data_4TVB
#
_entry.id   4TVB
#
_cell.length_a   59.510
_cell.length_b   109.254
_cell.length_c   157.212
_cell.angle_alpha   90.000
_cell.angle_beta   90.000
_cell.angle_gamma   90.000
#
_symmetry.space_group_name_H-M   'P 2 21 21'
#
loop_
_entity.id
_entity.type
_entity.pdbx_description
1 polymer 'Homospermidine synthase'
2 non-polymer '1,4-DIHYDRONICOTINAMIDE ADENINE DINUCLEOTIDE'
3 non-polymer sym-homospermidine
4 non-polymer 3-PYRIDINIUM-1-YLPROPANE-1-SULFONATE
5 non-polymer NICOTINAMIDE-ADENINE-DINUCLEOTIDE
6 non-polymer 1,4-DIAMINOBUTANE
7 water water
#
_entity_poly.entity_id   1
_entity_poly.type   'polypeptide(L)'
_entity_poly.pdbx_seq_one_letter_code
;GPMTDWPVYHRIDGPIVMIGFGSIGRGTLPLIERHFAFDRSKLVVIDPSDEARKLAEARGVRFIQQAVTRDNYRELLVPL
LTAGPGQGFCVNLSVDTSSLDIMELARENGALYIDTVVEPWLGFYFDPDLKPEARSNYALRETVLAARRNKPGGTTAVSC
CGANPGMVSWFVKQALVNLAADLGVTGEEPTTREEWARLAMDLGVKGIHIAERDTQRASFPKPFDVFVNTWSVEGFVSEG
LQPAELGWGTFERWMPDNARGHDSGCGAGIYLLQPGANTRVRSWTPTAMAQYGFLVTHNESISIADFLTVRDAAGQAVYR
PTCHYAYHPCNDAVLSLHEMFGSGKRQSDWRILDETEIVDGIDELGVLLYGHGKNAYWYGSQLSIEETRRIAPDQNATGL
QVSSAVLAGMVWALENPNAGIVEADDLDFRRCLEVQTPYLGPVVGVYTDWTPLAGRPGLFPEDIDTSDPWQFRNVLVRD
;
_entity_poly.pdbx_strand_id   A,B
#
# COMPACT_ATOMS: atom_id res chain seq x y z
N ASP A 5 -27.79 13.76 -34.20
CA ASP A 5 -27.53 13.99 -32.79
C ASP A 5 -27.34 12.64 -32.08
N TRP A 6 -27.63 12.59 -30.78
CA TRP A 6 -27.54 11.34 -30.03
C TRP A 6 -28.70 10.41 -30.42
N PRO A 7 -28.43 9.10 -30.51
CA PRO A 7 -29.52 8.17 -30.83
C PRO A 7 -30.53 8.04 -29.68
N VAL A 8 -31.81 8.12 -30.01
CA VAL A 8 -32.87 7.80 -29.07
C VAL A 8 -33.30 6.37 -29.34
N TYR A 9 -33.00 5.47 -28.42
CA TYR A 9 -33.13 4.05 -28.66
C TYR A 9 -34.55 3.52 -28.49
N HIS A 10 -35.32 4.15 -27.62
CA HIS A 10 -36.60 3.58 -27.21
C HIS A 10 -37.47 4.62 -26.49
N ARG A 11 -38.77 4.42 -26.57
CA ARG A 11 -39.70 5.16 -25.73
C ARG A 11 -40.00 4.33 -24.49
N ILE A 12 -39.86 4.93 -23.32
CA ILE A 12 -40.26 4.27 -22.09
C ILE A 12 -41.68 4.73 -21.79
N ASP A 13 -42.58 3.76 -21.72
CA ASP A 13 -44.01 3.99 -21.71
C ASP A 13 -44.57 3.92 -20.30
N GLY A 14 -43.77 4.33 -19.31
CA GLY A 14 -44.15 4.19 -17.92
C GLY A 14 -43.22 4.95 -17.00
N PRO A 15 -43.43 4.80 -15.69
CA PRO A 15 -42.59 5.51 -14.72
C PRO A 15 -41.14 5.01 -14.75
N ILE A 16 -40.20 5.95 -14.66
CA ILE A 16 -38.80 5.62 -14.50
C ILE A 16 -38.42 6.00 -13.08
N VAL A 17 -38.18 4.99 -12.25
CA VAL A 17 -37.91 5.18 -10.84
C VAL A 17 -36.46 4.88 -10.56
N MET A 18 -35.65 5.93 -10.38
CA MET A 18 -34.24 5.74 -10.05
C MET A 18 -34.04 5.75 -8.55
N ILE A 19 -33.58 4.63 -8.02
CA ILE A 19 -33.28 4.53 -6.60
C ILE A 19 -31.80 4.79 -6.41
N GLY A 20 -31.48 5.86 -5.71
CA GLY A 20 -30.10 6.26 -5.49
C GLY A 20 -29.67 7.32 -6.49
N PHE A 21 -29.07 8.37 -5.96
CA PHE A 21 -28.57 9.47 -6.77
C PHE A 21 -27.18 9.89 -6.27
N GLY A 22 -26.31 8.89 -6.16
CA GLY A 22 -24.92 9.09 -5.84
C GLY A 22 -24.13 9.25 -7.12
N SER A 23 -22.86 8.85 -7.11
CA SER A 23 -22.00 9.13 -8.26
C SER A 23 -22.55 8.45 -9.52
N ILE A 24 -23.12 7.26 -9.39
CA ILE A 24 -23.62 6.55 -10.58
C ILE A 24 -24.99 7.09 -11.02
N GLY A 25 -25.89 7.33 -10.08
CA GLY A 25 -27.18 7.89 -10.41
C GLY A 25 -27.03 9.21 -11.15
N ARG A 26 -26.13 10.03 -10.64
CA ARG A 26 -25.86 11.35 -11.23
C ARG A 26 -25.32 11.24 -12.64
N GLY A 27 -24.54 10.19 -12.89
CA GLY A 27 -23.99 9.96 -14.22
C GLY A 27 -24.99 9.32 -15.17
N THR A 28 -25.92 8.56 -14.61
CA THR A 28 -26.85 7.79 -15.42
C THR A 28 -28.04 8.64 -15.85
N LEU A 29 -28.53 9.51 -14.97
CA LEU A 29 -29.67 10.37 -15.31
C LEU A 29 -29.51 11.06 -16.66
N PRO A 30 -28.38 11.77 -16.88
CA PRO A 30 -28.27 12.47 -18.18
C PRO A 30 -28.30 11.54 -19.39
N LEU A 31 -27.84 10.30 -19.22
CA LEU A 31 -27.85 9.34 -20.32
C LEU A 31 -29.27 8.86 -20.57
N ILE A 32 -30.03 8.66 -19.51
CA ILE A 32 -31.44 8.29 -19.65
C ILE A 32 -32.19 9.40 -20.37
N GLU A 33 -31.97 10.64 -19.97
CA GLU A 33 -32.63 11.78 -20.61
C GLU A 33 -32.20 11.93 -22.07
N ARG A 34 -30.94 11.59 -22.34
CA ARG A 34 -30.38 11.74 -23.66
C ARG A 34 -30.91 10.68 -24.63
N HIS A 35 -31.06 9.45 -24.16
CA HIS A 35 -31.23 8.31 -25.05
C HIS A 35 -32.61 7.67 -25.06
N PHE A 36 -33.50 8.09 -24.16
CA PHE A 36 -34.85 7.56 -24.16
C PHE A 36 -35.87 8.68 -24.27
N ALA A 37 -37.01 8.37 -24.89
CA ALA A 37 -38.11 9.30 -25.03
C ALA A 37 -39.14 9.03 -23.94
N PHE A 38 -39.51 10.09 -23.22
CA PHE A 38 -40.51 10.00 -22.15
C PHE A 38 -40.85 11.42 -21.68
N ASP A 39 -42.07 11.61 -21.16
CA ASP A 39 -42.42 12.88 -20.55
C ASP A 39 -41.65 13.07 -19.24
N ARG A 40 -41.18 14.28 -18.99
CA ARG A 40 -40.27 14.53 -17.88
C ARG A 40 -40.86 14.12 -16.54
N SER A 41 -42.18 14.26 -16.38
CA SER A 41 -42.83 13.96 -15.11
C SER A 41 -42.89 12.47 -14.81
N LYS A 42 -42.47 11.65 -15.77
CA LYS A 42 -42.44 10.19 -15.58
C LYS A 42 -41.27 9.73 -14.72
N LEU A 43 -40.21 10.53 -14.69
CA LEU A 43 -38.98 10.16 -13.99
C LEU A 43 -38.95 10.71 -12.58
N VAL A 44 -38.60 9.86 -11.62
CA VAL A 44 -38.47 10.29 -10.23
C VAL A 44 -37.29 9.59 -9.59
N VAL A 45 -36.51 10.36 -8.82
CA VAL A 45 -35.33 9.89 -8.13
C VAL A 45 -35.64 9.76 -6.63
N ILE A 46 -35.17 8.67 -6.03
CA ILE A 46 -35.35 8.42 -4.60
C ILE A 46 -33.99 8.30 -3.93
N ASP A 47 -33.70 9.18 -2.98
CA ASP A 47 -32.44 9.13 -2.24
C ASP A 47 -32.58 9.92 -0.94
N PRO A 48 -32.09 9.37 0.20
CA PRO A 48 -32.26 10.07 1.49
C PRO A 48 -31.34 11.26 1.71
N SER A 49 -30.36 11.45 0.83
CA SER A 49 -29.30 12.44 1.04
C SER A 49 -29.70 13.86 0.66
N ASP A 50 -29.38 14.81 1.52
CA ASP A 50 -29.59 16.23 1.23
C ASP A 50 -28.73 16.70 0.07
N GLU A 51 -27.49 16.23 0.03
CA GLU A 51 -26.60 16.52 -1.09
C GLU A 51 -27.26 16.10 -2.39
N ALA A 52 -27.84 14.91 -2.40
CA ALA A 52 -28.48 14.38 -3.60
C ALA A 52 -29.71 15.22 -3.99
N ARG A 53 -30.52 15.58 -3.00
CA ARG A 53 -31.70 16.41 -3.25
C ARG A 53 -31.34 17.71 -3.94
N LYS A 54 -30.32 18.39 -3.43
CA LYS A 54 -29.91 19.68 -3.98
C LYS A 54 -29.48 19.55 -5.43
N LEU A 55 -28.70 18.51 -5.73
CA LEU A 55 -28.27 18.27 -7.11
C LEU A 55 -29.46 17.94 -8.00
N ALA A 56 -30.37 17.11 -7.50
CA ALA A 56 -31.55 16.73 -8.27
C ALA A 56 -32.40 17.96 -8.59
N GLU A 57 -32.62 18.80 -7.57
CA GLU A 57 -33.37 20.04 -7.76
C GLU A 57 -32.70 20.91 -8.82
N ALA A 58 -31.38 20.96 -8.80
CA ALA A 58 -30.65 21.74 -9.79
C ALA A 58 -30.89 21.21 -11.20
N ARG A 59 -31.10 19.90 -11.33
CA ARG A 59 -31.31 19.28 -12.63
C ARG A 59 -32.79 19.24 -13.01
N GLY A 60 -33.64 19.77 -12.13
CA GLY A 60 -35.06 19.89 -12.43
C GLY A 60 -35.82 18.58 -12.49
N VAL A 61 -35.37 17.57 -11.75
CA VAL A 61 -36.05 16.29 -11.73
C VAL A 61 -36.78 16.07 -10.42
N ARG A 62 -37.89 15.33 -10.51
CA ARG A 62 -38.63 14.92 -9.34
C ARG A 62 -37.70 14.17 -8.38
N PHE A 63 -37.81 14.47 -7.10
CA PHE A 63 -36.96 13.85 -6.09
C PHE A 63 -37.72 13.57 -4.81
N ILE A 64 -37.68 12.31 -4.39
CA ILE A 64 -38.28 11.89 -3.13
C ILE A 64 -37.18 11.58 -2.14
N GLN A 65 -37.06 12.42 -1.11
CA GLN A 65 -35.97 12.25 -0.15
C GLN A 65 -36.37 11.27 0.92
N GLN A 66 -36.12 9.99 0.64
CA GLN A 66 -36.49 8.91 1.54
C GLN A 66 -35.54 7.73 1.39
N ALA A 67 -35.20 7.11 2.50
CA ALA A 67 -34.46 5.85 2.49
C ALA A 67 -35.43 4.71 2.22
N VAL A 68 -35.11 3.88 1.23
CA VAL A 68 -35.89 2.68 0.96
C VAL A 68 -35.49 1.61 1.96
N THR A 69 -36.44 1.14 2.76
CA THR A 69 -36.13 0.16 3.80
C THR A 69 -36.97 -1.08 3.63
N ARG A 70 -36.63 -2.13 4.37
CA ARG A 70 -37.39 -3.36 4.36
C ARG A 70 -38.84 -3.05 4.77
N ASP A 71 -39.00 -2.04 5.61
CA ASP A 71 -40.30 -1.73 6.19
C ASP A 71 -41.20 -0.92 5.26
N ASN A 72 -40.62 -0.14 4.35
CA ASN A 72 -41.41 0.74 3.50
C ASN A 72 -41.32 0.48 1.99
N TYR A 73 -40.49 -0.45 1.54
CA TYR A 73 -40.21 -0.51 0.12
C TYR A 73 -41.43 -0.92 -0.69
N ARG A 74 -42.30 -1.74 -0.11
CA ARG A 74 -43.52 -2.14 -0.81
C ARG A 74 -44.48 -0.97 -0.94
N GLU A 75 -44.64 -0.24 0.16
CA GLU A 75 -45.59 0.86 0.20
C GLU A 75 -45.15 2.02 -0.70
N LEU A 76 -43.84 2.16 -0.85
CA LEU A 76 -43.28 3.22 -1.67
C LEU A 76 -43.21 2.85 -3.15
N LEU A 77 -42.62 1.70 -3.44
CA LEU A 77 -42.23 1.39 -4.81
C LEU A 77 -43.36 0.82 -5.66
N VAL A 78 -44.28 0.07 -5.06
CA VAL A 78 -45.35 -0.53 -5.86
C VAL A 78 -46.16 0.58 -6.55
N PRO A 79 -46.62 1.59 -5.79
CA PRO A 79 -47.36 2.64 -6.50
C PRO A 79 -46.53 3.38 -7.55
N LEU A 80 -45.30 3.76 -7.21
CA LEU A 80 -44.47 4.50 -8.15
C LEU A 80 -44.19 3.70 -9.43
N LEU A 81 -43.94 2.41 -9.28
CA LEU A 81 -43.60 1.58 -10.43
C LEU A 81 -44.81 1.20 -11.27
N THR A 82 -46.00 1.33 -10.70
CA THR A 82 -47.22 0.97 -11.43
C THR A 82 -48.06 2.20 -11.79
N ALA A 83 -47.42 3.37 -11.85
CA ALA A 83 -48.13 4.60 -12.17
C ALA A 83 -48.72 4.58 -13.58
N GLY A 84 -47.98 4.01 -14.53
CA GLY A 84 -48.49 3.82 -15.88
C GLY A 84 -47.98 4.83 -16.88
N PRO A 85 -48.56 4.84 -18.10
CA PRO A 85 -49.68 4.02 -18.56
C PRO A 85 -49.28 2.58 -18.77
N GLY A 86 -48.01 2.40 -19.11
CA GLY A 86 -47.50 1.09 -19.47
C GLY A 86 -46.38 0.69 -18.54
N GLN A 87 -45.41 0.02 -19.13
CA GLN A 87 -44.33 -0.58 -18.36
C GLN A 87 -43.33 0.44 -17.84
N GLY A 88 -43.13 0.45 -16.52
CA GLY A 88 -42.13 1.30 -15.91
C GLY A 88 -40.77 0.61 -15.85
N PHE A 89 -39.77 1.33 -15.35
CA PHE A 89 -38.41 0.83 -15.26
C PHE A 89 -37.80 1.25 -13.93
N CYS A 90 -37.50 0.28 -13.08
CA CYS A 90 -36.78 0.52 -11.84
C CYS A 90 -35.29 0.49 -12.13
N VAL A 91 -34.64 1.64 -11.96
CA VAL A 91 -33.20 1.78 -12.17
C VAL A 91 -32.55 1.90 -10.80
N ASN A 92 -32.05 0.79 -10.29
CA ASN A 92 -31.56 0.72 -8.93
C ASN A 92 -30.06 0.94 -8.85
N LEU A 93 -29.67 2.08 -8.30
CA LEU A 93 -28.27 2.50 -8.25
C LEU A 93 -27.91 2.93 -6.83
N SER A 94 -28.34 2.14 -5.86
CA SER A 94 -28.28 2.52 -4.45
C SER A 94 -27.33 1.66 -3.63
N VAL A 95 -27.16 2.07 -2.38
CA VAL A 95 -26.57 1.20 -1.36
C VAL A 95 -27.61 0.95 -0.28
N ASP A 96 -27.36 -0.07 0.55
CA ASP A 96 -28.15 -0.35 1.74
C ASP A 96 -29.58 -0.81 1.45
N THR A 97 -29.86 -1.18 0.21
CA THR A 97 -31.16 -1.72 -0.17
C THR A 97 -31.00 -3.14 -0.75
N SER A 98 -32.05 -3.94 -0.64
CA SER A 98 -32.03 -5.31 -1.12
C SER A 98 -32.34 -5.40 -2.60
N SER A 99 -31.32 -5.70 -3.39
CA SER A 99 -31.50 -5.89 -4.82
C SER A 99 -32.52 -6.99 -5.07
N LEU A 100 -32.47 -8.05 -4.28
CA LEU A 100 -33.35 -9.19 -4.48
C LEU A 100 -34.80 -8.80 -4.25
N ASP A 101 -35.06 -8.15 -3.13
CA ASP A 101 -36.44 -7.84 -2.76
C ASP A 101 -37.04 -6.83 -3.74
N ILE A 102 -36.27 -5.81 -4.10
CA ILE A 102 -36.76 -4.79 -5.02
C ILE A 102 -36.95 -5.39 -6.41
N MET A 103 -36.02 -6.24 -6.83
CA MET A 103 -36.13 -6.93 -8.11
C MET A 103 -37.40 -7.76 -8.19
N GLU A 104 -37.67 -8.51 -7.14
CA GLU A 104 -38.85 -9.37 -7.12
C GLU A 104 -40.14 -8.53 -7.09
N LEU A 105 -40.08 -7.40 -6.38
CA LEU A 105 -41.22 -6.49 -6.34
C LEU A 105 -41.53 -5.95 -7.73
N ALA A 106 -40.49 -5.47 -8.42
CA ALA A 106 -40.67 -4.92 -9.76
C ALA A 106 -41.26 -5.97 -10.69
N ARG A 107 -40.70 -7.18 -10.65
CA ARG A 107 -41.16 -8.25 -11.54
C ARG A 107 -42.62 -8.62 -11.27
N GLU A 108 -42.99 -8.71 -9.99
CA GLU A 108 -44.37 -9.00 -9.59
C GLU A 108 -45.34 -8.00 -10.20
N ASN A 109 -44.88 -6.78 -10.37
CA ASN A 109 -45.72 -5.70 -10.86
C ASN A 109 -45.44 -5.33 -12.32
N GLY A 110 -44.68 -6.16 -13.00
CA GLY A 110 -44.49 -5.99 -14.43
C GLY A 110 -43.58 -4.85 -14.81
N ALA A 111 -42.77 -4.37 -13.87
CA ALA A 111 -41.83 -3.30 -14.14
C ALA A 111 -40.44 -3.87 -14.47
N LEU A 112 -39.79 -3.32 -15.48
CA LEU A 112 -38.43 -3.72 -15.80
C LEU A 112 -37.52 -3.29 -14.65
N TYR A 113 -36.38 -3.97 -14.51
CA TYR A 113 -35.48 -3.71 -13.40
C TYR A 113 -34.04 -3.81 -13.86
N ILE A 114 -33.19 -2.97 -13.29
CA ILE A 114 -31.75 -3.12 -13.48
C ILE A 114 -30.99 -2.61 -12.25
N ASP A 115 -29.89 -3.30 -11.91
CA ASP A 115 -28.98 -2.79 -10.91
C ASP A 115 -27.55 -3.12 -11.29
N THR A 116 -26.61 -2.80 -10.41
CA THR A 116 -25.19 -2.95 -10.69
C THR A 116 -24.48 -3.74 -9.61
N VAL A 117 -25.25 -4.36 -8.72
CA VAL A 117 -24.71 -5.04 -7.56
C VAL A 117 -25.84 -5.82 -6.91
N VAL A 118 -25.52 -6.96 -6.29
CA VAL A 118 -26.50 -7.63 -5.46
C VAL A 118 -26.30 -7.11 -4.05
N GLU A 119 -26.99 -6.02 -3.75
CA GLU A 119 -26.88 -5.34 -2.46
C GLU A 119 -27.89 -5.95 -1.49
N PRO A 120 -27.53 -6.04 -0.20
CA PRO A 120 -28.44 -6.51 0.84
C PRO A 120 -29.06 -5.34 1.61
N TRP A 121 -30.16 -5.58 2.33
CA TRP A 121 -30.65 -4.57 3.27
C TRP A 121 -29.55 -4.20 4.24
N LEU A 122 -29.54 -2.95 4.67
CA LEU A 122 -28.57 -2.46 5.65
C LEU A 122 -28.47 -3.40 6.85
N GLY A 123 -27.24 -3.68 7.27
CA GLY A 123 -26.99 -4.51 8.44
C GLY A 123 -26.43 -5.88 8.11
N PHE A 124 -26.02 -6.06 6.86
CA PHE A 124 -25.51 -7.35 6.38
C PHE A 124 -23.99 -7.37 6.34
N TYR A 125 -23.40 -6.44 5.61
CA TYR A 125 -21.97 -6.46 5.32
C TYR A 125 -21.05 -6.51 6.54
N PHE A 126 -21.45 -5.85 7.62
CA PHE A 126 -20.61 -5.73 8.80
C PHE A 126 -21.26 -6.38 10.03
N ASP A 127 -22.18 -7.32 9.77
CA ASP A 127 -22.80 -8.10 10.81
C ASP A 127 -21.80 -9.11 11.39
N PRO A 128 -21.42 -8.93 12.67
CA PRO A 128 -20.38 -9.82 13.21
C PRO A 128 -20.89 -11.25 13.45
N ASP A 129 -22.20 -11.44 13.52
CA ASP A 129 -22.78 -12.75 13.80
C ASP A 129 -23.01 -13.58 12.53
N LEU A 130 -22.53 -13.08 11.39
CA LEU A 130 -22.54 -13.83 10.14
C LEU A 130 -21.13 -14.34 9.85
N LYS A 131 -21.01 -15.62 9.51
CA LYS A 131 -19.72 -16.15 9.11
C LYS A 131 -19.35 -15.59 7.74
N PRO A 132 -18.05 -15.56 7.42
CA PRO A 132 -17.58 -14.96 6.18
C PRO A 132 -18.31 -15.47 4.93
N GLU A 133 -18.61 -16.76 4.88
CA GLU A 133 -19.29 -17.31 3.71
C GLU A 133 -20.68 -16.69 3.52
N ALA A 134 -21.35 -16.43 4.64
CA ALA A 134 -22.68 -15.87 4.60
C ALA A 134 -22.65 -14.43 4.11
N ARG A 135 -21.49 -13.78 4.21
CA ARG A 135 -21.32 -12.41 3.73
C ARG A 135 -20.73 -12.36 2.31
N SER A 136 -20.66 -13.52 1.66
CA SER A 136 -19.99 -13.62 0.36
C SER A 136 -20.89 -13.19 -0.79
N ASN A 137 -20.29 -12.68 -1.85
CA ASN A 137 -21.03 -12.36 -3.06
C ASN A 137 -21.55 -13.63 -3.72
N TYR A 138 -20.84 -14.73 -3.52
CA TYR A 138 -21.30 -16.01 -3.99
C TYR A 138 -22.70 -16.29 -3.44
N ALA A 139 -22.82 -16.16 -2.12
CA ALA A 139 -24.09 -16.40 -1.42
C ALA A 139 -25.18 -15.44 -1.90
N LEU A 140 -24.84 -14.18 -2.02
CA LEU A 140 -25.79 -13.18 -2.49
C LEU A 140 -26.28 -13.52 -3.90
N ARG A 141 -25.35 -13.88 -4.78
CA ARG A 141 -25.71 -14.24 -6.13
C ARG A 141 -26.63 -15.46 -6.17
N GLU A 142 -26.42 -16.40 -5.25
CA GLU A 142 -27.23 -17.62 -5.25
C GLU A 142 -28.70 -17.31 -4.93
N THR A 143 -28.95 -16.25 -4.17
CA THR A 143 -30.34 -15.88 -3.90
C THR A 143 -31.00 -15.44 -5.21
N VAL A 144 -30.25 -14.77 -6.08
CA VAL A 144 -30.79 -14.35 -7.38
C VAL A 144 -31.02 -15.56 -8.28
N LEU A 145 -30.07 -16.51 -8.28
CA LEU A 145 -30.23 -17.70 -9.11
C LEU A 145 -31.43 -18.51 -8.62
N ALA A 146 -31.61 -18.56 -7.31
CA ALA A 146 -32.74 -19.27 -6.73
C ALA A 146 -34.05 -18.61 -7.13
N ALA A 147 -34.09 -17.27 -7.10
CA ALA A 147 -35.27 -16.53 -7.51
C ALA A 147 -35.62 -16.84 -8.96
N ARG A 148 -34.60 -16.98 -9.79
CA ARG A 148 -34.82 -17.31 -11.20
C ARG A 148 -35.40 -18.72 -11.37
N ARG A 149 -34.92 -19.66 -10.56
CA ARG A 149 -35.42 -21.02 -10.63
C ARG A 149 -36.86 -21.11 -10.15
N ASN A 150 -37.19 -20.29 -9.17
CA ASN A 150 -38.54 -20.27 -8.59
C ASN A 150 -39.57 -19.64 -9.52
N LYS A 151 -39.14 -18.66 -10.30
CA LYS A 151 -40.02 -17.98 -11.24
C LYS A 151 -39.33 -17.71 -12.57
N PRO A 152 -39.23 -18.75 -13.41
CA PRO A 152 -38.59 -18.58 -14.71
C PRO A 152 -39.43 -17.70 -15.64
N GLY A 153 -38.79 -17.07 -16.60
CA GLY A 153 -39.50 -16.17 -17.50
C GLY A 153 -40.07 -15.00 -16.73
N GLY A 154 -41.07 -14.34 -17.32
CA GLY A 154 -41.63 -13.14 -16.73
C GLY A 154 -40.84 -11.93 -17.18
N THR A 155 -41.15 -10.78 -16.60
CA THR A 155 -40.55 -9.52 -16.99
C THR A 155 -39.04 -9.50 -16.78
N THR A 156 -38.33 -8.82 -17.67
CA THR A 156 -36.88 -8.79 -17.62
C THR A 156 -36.39 -8.02 -16.41
N ALA A 157 -35.45 -8.62 -15.68
CA ALA A 157 -34.75 -7.96 -14.58
C ALA A 157 -33.28 -8.25 -14.75
N VAL A 158 -32.49 -7.20 -14.88
CA VAL A 158 -31.07 -7.35 -15.17
C VAL A 158 -30.26 -7.13 -13.90
N SER A 159 -29.58 -8.19 -13.46
CA SER A 159 -28.78 -8.16 -12.25
C SER A 159 -27.32 -7.84 -12.57
N CYS A 160 -26.76 -6.87 -11.85
CA CYS A 160 -25.33 -6.58 -11.89
C CYS A 160 -24.85 -6.19 -13.29
N CYS A 161 -25.42 -5.11 -13.80
CA CYS A 161 -25.08 -4.58 -15.10
C CYS A 161 -24.51 -3.17 -15.00
N GLY A 162 -23.34 -3.07 -14.38
CA GLY A 162 -22.52 -1.87 -14.39
C GLY A 162 -21.29 -2.08 -15.26
N ALA A 163 -20.18 -1.46 -14.88
CA ALA A 163 -18.93 -1.64 -15.60
C ALA A 163 -18.33 -3.01 -15.26
N ASN A 164 -18.29 -3.31 -13.97
CA ASN A 164 -17.76 -4.58 -13.51
C ASN A 164 -18.24 -4.82 -12.09
N PRO A 165 -19.23 -5.71 -11.92
CA PRO A 165 -19.89 -6.58 -12.90
C PRO A 165 -20.70 -5.83 -13.96
N GLY A 166 -20.85 -6.48 -15.12
CA GLY A 166 -21.65 -5.96 -16.21
C GLY A 166 -20.86 -5.97 -17.50
N MET A 167 -20.35 -4.81 -17.89
CA MET A 167 -19.64 -4.63 -19.15
C MET A 167 -18.57 -5.69 -19.37
N VAL A 168 -17.86 -6.06 -18.32
CA VAL A 168 -16.72 -6.95 -18.48
C VAL A 168 -17.14 -8.33 -18.99
N SER A 169 -18.38 -8.74 -18.70
CA SER A 169 -18.88 -9.99 -19.25
C SER A 169 -18.94 -9.90 -20.78
N TRP A 170 -19.30 -8.74 -21.30
CA TRP A 170 -19.35 -8.54 -22.74
C TRP A 170 -17.93 -8.54 -23.28
N PHE A 171 -17.01 -7.91 -22.56
CA PHE A 171 -15.60 -7.93 -22.95
C PHE A 171 -15.04 -9.35 -23.05
N VAL A 172 -15.44 -10.23 -22.13
CA VAL A 172 -14.94 -11.60 -22.17
C VAL A 172 -15.35 -12.26 -23.47
N LYS A 173 -16.62 -12.11 -23.84
CA LYS A 173 -17.13 -12.68 -25.09
C LYS A 173 -16.38 -12.12 -26.28
N GLN A 174 -16.19 -10.81 -26.31
CA GLN A 174 -15.49 -10.18 -27.42
C GLN A 174 -14.05 -10.67 -27.47
N ALA A 175 -13.46 -10.85 -26.29
CA ALA A 175 -12.06 -11.27 -26.22
C ALA A 175 -11.89 -12.68 -26.76
N LEU A 176 -12.83 -13.55 -26.41
CA LEU A 176 -12.81 -14.94 -26.85
C LEU A 176 -12.90 -15.01 -28.38
N VAL A 177 -13.76 -14.19 -28.96
CA VAL A 177 -13.92 -14.12 -30.41
C VAL A 177 -12.65 -13.59 -31.07
N ASN A 178 -12.06 -12.57 -30.47
CA ASN A 178 -10.82 -12.00 -30.98
C ASN A 178 -9.66 -12.99 -30.92
N LEU A 179 -9.56 -13.71 -29.81
CA LEU A 179 -8.50 -14.70 -29.65
C LEU A 179 -8.60 -15.76 -30.74
N ALA A 180 -9.82 -16.29 -30.92
CA ALA A 180 -10.09 -17.29 -31.95
C ALA A 180 -9.69 -16.75 -33.31
N ALA A 181 -10.14 -15.54 -33.63
CA ALA A 181 -9.87 -14.93 -34.92
C ALA A 181 -8.38 -14.71 -35.12
N ASP A 182 -7.68 -14.33 -34.06
CA ASP A 182 -6.24 -14.06 -34.15
C ASP A 182 -5.46 -15.34 -34.37
N LEU A 183 -6.05 -16.47 -33.95
CA LEU A 183 -5.43 -17.78 -34.14
C LEU A 183 -5.73 -18.36 -35.53
N GLY A 184 -6.61 -17.69 -36.28
CA GLY A 184 -7.01 -18.15 -37.60
C GLY A 184 -8.18 -19.11 -37.54
N VAL A 185 -8.90 -19.11 -36.43
CA VAL A 185 -10.08 -19.93 -36.25
C VAL A 185 -11.31 -19.16 -36.70
N THR A 186 -11.92 -19.61 -37.80
CA THR A 186 -13.07 -18.93 -38.38
C THR A 186 -14.35 -19.70 -38.12
N GLY A 187 -15.49 -19.09 -38.47
CA GLY A 187 -16.78 -19.75 -38.35
C GLY A 187 -17.74 -19.01 -37.47
N GLU A 188 -18.88 -19.63 -37.21
CA GLU A 188 -19.94 -19.00 -36.44
C GLU A 188 -19.55 -18.74 -34.99
N GLU A 189 -19.94 -17.59 -34.48
CA GLU A 189 -19.79 -17.29 -33.06
C GLU A 189 -20.70 -18.18 -32.23
N PRO A 190 -20.32 -18.44 -30.98
CA PRO A 190 -21.25 -19.12 -30.07
C PRO A 190 -22.54 -18.33 -29.89
N THR A 191 -23.66 -19.02 -29.67
CA THR A 191 -24.94 -18.39 -29.41
C THR A 191 -25.60 -18.92 -28.15
N THR A 192 -25.04 -19.99 -27.59
CA THR A 192 -25.54 -20.56 -26.33
C THR A 192 -24.44 -20.52 -25.28
N ARG A 193 -24.85 -20.57 -24.01
CA ARG A 193 -23.91 -20.61 -22.90
C ARG A 193 -22.92 -21.75 -23.09
N GLU A 194 -23.46 -22.90 -23.45
CA GLU A 194 -22.68 -24.11 -23.63
C GLU A 194 -21.58 -23.92 -24.69
N GLU A 195 -21.92 -23.21 -25.76
CA GLU A 195 -20.96 -22.97 -26.83
C GLU A 195 -19.88 -21.95 -26.42
N TRP A 196 -20.26 -20.94 -25.66
CA TRP A 196 -19.28 -19.98 -25.13
C TRP A 196 -18.30 -20.68 -24.22
N ALA A 197 -18.82 -21.51 -23.33
CA ALA A 197 -17.98 -22.24 -22.38
C ALA A 197 -16.99 -23.11 -23.14
N ARG A 198 -17.48 -23.80 -24.16
CA ARG A 198 -16.61 -24.67 -24.94
C ARG A 198 -15.57 -23.88 -25.73
N LEU A 199 -15.91 -22.66 -26.16
CA LEU A 199 -14.94 -21.84 -26.86
C LEU A 199 -13.78 -21.51 -25.92
N ALA A 200 -14.10 -21.15 -24.68
CA ALA A 200 -13.08 -20.83 -23.69
C ALA A 200 -12.22 -22.07 -23.42
N MET A 201 -12.88 -23.21 -23.28
CA MET A 201 -12.19 -24.48 -23.05
C MET A 201 -11.26 -24.78 -24.22
N ASP A 202 -11.80 -24.70 -25.43
CA ASP A 202 -11.07 -25.09 -26.63
C ASP A 202 -9.85 -24.20 -26.87
N LEU A 203 -9.99 -22.90 -26.59
CA LEU A 203 -8.89 -21.96 -26.77
C LEU A 203 -7.86 -22.04 -25.65
N GLY A 204 -8.17 -22.82 -24.63
CA GLY A 204 -7.24 -23.06 -23.54
C GLY A 204 -7.08 -21.87 -22.61
N VAL A 205 -8.19 -21.16 -22.38
CA VAL A 205 -8.19 -20.05 -21.44
C VAL A 205 -8.20 -20.62 -20.03
N LYS A 206 -7.10 -20.49 -19.32
CA LYS A 206 -7.01 -21.07 -17.98
C LYS A 206 -7.71 -20.20 -16.95
N GLY A 207 -7.63 -18.88 -17.13
CA GLY A 207 -8.27 -17.97 -16.20
C GLY A 207 -8.41 -16.57 -16.76
N ILE A 208 -9.05 -15.72 -15.96
CA ILE A 208 -9.40 -14.37 -16.37
C ILE A 208 -9.22 -13.46 -15.16
N HIS A 209 -8.44 -12.39 -15.31
CA HIS A 209 -8.45 -11.30 -14.35
C HIS A 209 -9.37 -10.20 -14.86
N ILE A 210 -10.18 -9.64 -13.97
CA ILE A 210 -10.79 -8.36 -14.24
C ILE A 210 -9.67 -7.38 -13.87
N ALA A 211 -8.93 -6.96 -14.88
CA ALA A 211 -7.67 -6.26 -14.68
C ALA A 211 -7.88 -4.78 -14.88
N GLU A 212 -7.82 -4.03 -13.78
CA GLU A 212 -8.16 -2.61 -13.78
C GLU A 212 -7.07 -1.74 -13.13
N ARG A 213 -6.83 -0.59 -13.74
CA ARG A 213 -5.92 0.41 -13.21
C ARG A 213 -6.56 1.79 -13.39
N ASP A 214 -6.88 2.42 -12.26
CA ASP A 214 -7.49 3.74 -12.23
C ASP A 214 -6.37 4.73 -11.92
N THR A 215 -6.11 5.66 -12.84
CA THR A 215 -5.03 6.63 -12.67
C THR A 215 -5.54 8.06 -12.43
N GLN A 216 -6.83 8.19 -12.18
CA GLN A 216 -7.39 9.51 -11.91
C GLN A 216 -6.84 10.10 -10.61
N ARG A 217 -6.60 11.40 -10.61
CA ARG A 217 -6.08 12.06 -9.41
C ARG A 217 -6.58 13.49 -9.36
N ALA A 218 -6.66 14.04 -8.16
CA ALA A 218 -7.29 15.35 -7.96
C ALA A 218 -6.26 16.46 -7.89
N SER A 219 -6.77 17.68 -7.89
CA SER A 219 -5.96 18.87 -7.81
C SER A 219 -5.42 19.04 -6.39
N PHE A 220 -6.03 18.33 -5.45
CA PHE A 220 -5.59 18.35 -4.05
C PHE A 220 -5.09 16.98 -3.62
N PRO A 221 -4.14 16.94 -2.69
CA PRO A 221 -3.65 15.65 -2.17
C PRO A 221 -4.65 14.97 -1.27
N LYS A 222 -4.48 13.67 -1.03
CA LYS A 222 -5.39 12.95 -0.15
C LYS A 222 -5.38 13.58 1.23
N PRO A 223 -6.56 13.98 1.73
CA PRO A 223 -6.60 14.49 3.11
C PRO A 223 -6.47 13.39 4.14
N PHE A 224 -5.76 13.68 5.23
CA PHE A 224 -5.63 12.74 6.32
C PHE A 224 -6.99 12.37 6.89
N ASP A 225 -7.17 11.09 7.22
CA ASP A 225 -8.40 10.62 7.85
C ASP A 225 -9.62 10.91 6.97
N VAL A 226 -9.41 10.79 5.66
CA VAL A 226 -10.51 10.86 4.69
C VAL A 226 -10.30 9.78 3.64
N PHE A 227 -11.29 8.91 3.47
CA PHE A 227 -11.24 7.89 2.43
C PHE A 227 -11.66 8.52 1.10
N VAL A 228 -10.76 8.43 0.11
CA VAL A 228 -10.99 9.01 -1.21
C VAL A 228 -11.11 7.91 -2.25
N ASN A 229 -12.08 8.05 -3.15
CA ASN A 229 -12.31 7.09 -4.22
C ASN A 229 -12.94 7.79 -5.41
N THR A 230 -13.04 7.11 -6.54
CA THR A 230 -13.64 7.67 -7.74
C THR A 230 -15.09 7.21 -7.93
N TRP A 231 -15.55 6.38 -7.00
CA TRP A 231 -16.94 5.92 -6.96
C TRP A 231 -17.24 5.60 -5.51
N SER A 232 -18.43 5.07 -5.25
CA SER A 232 -18.91 4.81 -3.89
C SER A 232 -17.82 4.42 -2.90
N VAL A 233 -17.63 5.23 -1.87
CA VAL A 233 -16.72 4.84 -0.81
C VAL A 233 -17.40 3.79 0.06
N GLU A 234 -18.67 4.00 0.40
CA GLU A 234 -19.39 3.03 1.20
C GLU A 234 -19.46 1.67 0.50
N GLY A 235 -19.72 1.70 -0.80
CA GLY A 235 -19.78 0.48 -1.60
C GLY A 235 -18.44 -0.22 -1.72
N PHE A 236 -17.37 0.54 -1.89
CA PHE A 236 -16.04 -0.05 -2.07
C PHE A 236 -15.58 -0.66 -0.76
N VAL A 237 -15.79 0.05 0.34
CA VAL A 237 -15.40 -0.47 1.64
C VAL A 237 -16.21 -1.72 1.97
N SER A 238 -17.50 -1.71 1.64
CA SER A 238 -18.34 -2.87 1.85
C SER A 238 -17.78 -4.13 1.20
N GLU A 239 -17.48 -4.05 -0.08
CA GLU A 239 -16.99 -5.22 -0.78
C GLU A 239 -15.54 -5.48 -0.42
N GLY A 240 -14.82 -4.43 -0.04
CA GLY A 240 -13.43 -4.56 0.34
C GLY A 240 -13.27 -5.37 1.62
N LEU A 241 -14.30 -5.36 2.44
CA LEU A 241 -14.27 -6.04 3.74
C LEU A 241 -15.02 -7.36 3.68
N GLN A 242 -15.67 -7.64 2.55
CA GLN A 242 -16.17 -8.98 2.28
C GLN A 242 -14.97 -9.92 2.05
N PRO A 243 -15.19 -11.23 2.19
CA PRO A 243 -14.08 -12.16 1.93
C PRO A 243 -13.56 -12.03 0.51
N ALA A 244 -12.25 -12.20 0.31
CA ALA A 244 -11.74 -12.35 -1.03
C ALA A 244 -12.44 -13.54 -1.67
N GLU A 245 -12.86 -13.38 -2.93
CA GLU A 245 -13.55 -14.43 -3.66
C GLU A 245 -13.07 -14.50 -5.08
N LEU A 246 -13.13 -15.70 -5.64
CA LEU A 246 -12.71 -15.90 -7.01
C LEU A 246 -13.42 -17.10 -7.59
N GLY A 247 -13.74 -17.02 -8.88
CA GLY A 247 -14.18 -18.17 -9.62
C GLY A 247 -12.96 -19.06 -9.70
N TRP A 248 -13.13 -20.36 -9.50
CA TRP A 248 -11.99 -21.27 -9.33
C TRP A 248 -11.82 -22.19 -10.53
N GLY A 249 -10.70 -22.04 -11.23
CA GLY A 249 -10.47 -22.78 -12.46
C GLY A 249 -10.11 -24.24 -12.25
N THR A 250 -10.51 -25.07 -13.20
CA THR A 250 -10.18 -26.50 -13.11
C THR A 250 -8.67 -26.74 -13.25
N PHE A 251 -7.93 -25.78 -13.80
CA PHE A 251 -6.50 -25.97 -14.00
C PHE A 251 -5.68 -25.72 -12.73
N GLU A 252 -6.30 -25.13 -11.71
CA GLU A 252 -5.60 -24.78 -10.48
C GLU A 252 -5.21 -26.04 -9.71
N ARG A 253 -3.98 -26.06 -9.22
CA ARG A 253 -3.47 -27.22 -8.50
C ARG A 253 -3.11 -26.90 -7.06
N TRP A 254 -3.44 -25.69 -6.60
CA TRP A 254 -3.10 -25.25 -5.27
C TRP A 254 -4.07 -24.18 -4.77
N MET A 255 -4.43 -24.24 -3.50
CA MET A 255 -5.15 -23.13 -2.88
C MET A 255 -4.59 -22.85 -1.50
N PRO A 256 -4.77 -21.61 -1.03
CA PRO A 256 -4.30 -21.23 0.31
C PRO A 256 -4.94 -22.03 1.42
N ASP A 257 -4.28 -22.12 2.56
CA ASP A 257 -4.82 -22.83 3.71
C ASP A 257 -6.16 -22.23 4.17
N ASN A 258 -6.32 -20.92 4.04
CA ASN A 258 -7.56 -20.27 4.49
C ASN A 258 -8.57 -20.10 3.35
N ALA A 259 -8.37 -20.85 2.27
CA ALA A 259 -9.36 -20.94 1.21
C ALA A 259 -10.44 -21.92 1.61
N ARG A 260 -11.68 -21.64 1.19
CA ARG A 260 -12.81 -22.51 1.48
C ARG A 260 -13.75 -22.55 0.29
N GLY A 261 -14.44 -23.67 0.14
CA GLY A 261 -15.40 -23.85 -0.93
C GLY A 261 -16.81 -23.71 -0.39
N HIS A 262 -17.78 -23.89 -1.27
CA HIS A 262 -19.19 -23.81 -0.92
C HIS A 262 -19.86 -25.17 -1.03
N ASP A 263 -20.75 -25.48 -0.09
CA ASP A 263 -21.46 -26.75 -0.11
C ASP A 263 -22.64 -26.75 -1.09
N SER A 264 -23.08 -25.57 -1.49
CA SER A 264 -24.22 -25.43 -2.38
C SER A 264 -23.94 -24.43 -3.48
N GLY A 265 -24.93 -24.23 -4.35
CA GLY A 265 -24.85 -23.24 -5.39
C GLY A 265 -24.29 -23.78 -6.69
N CYS A 266 -23.86 -22.88 -7.56
CA CYS A 266 -23.41 -23.22 -8.89
C CYS A 266 -22.07 -23.96 -8.89
N GLY A 267 -21.33 -23.84 -7.80
CA GLY A 267 -20.07 -24.57 -7.63
C GLY A 267 -18.83 -23.89 -8.18
N ALA A 268 -18.97 -22.66 -8.68
CA ALA A 268 -17.91 -22.05 -9.47
C ALA A 268 -16.85 -21.29 -8.67
N GLY A 269 -17.06 -21.12 -7.38
CA GLY A 269 -16.24 -20.21 -6.61
C GLY A 269 -15.60 -20.76 -5.37
N ILE A 270 -14.55 -20.08 -4.92
CA ILE A 270 -14.04 -20.23 -3.57
C ILE A 270 -13.97 -18.86 -2.91
N TYR A 271 -13.71 -18.86 -1.62
CA TYR A 271 -13.45 -17.62 -0.91
C TYR A 271 -12.29 -17.81 0.05
N LEU A 272 -11.63 -16.71 0.40
CA LEU A 272 -10.56 -16.73 1.39
C LEU A 272 -11.06 -16.11 2.68
N LEU A 273 -10.58 -16.61 3.81
CA LEU A 273 -10.98 -16.07 5.11
C LEU A 273 -10.16 -14.83 5.46
N GLN A 274 -10.22 -13.84 4.57
CA GLN A 274 -9.56 -12.57 4.77
C GLN A 274 -10.22 -11.52 3.87
N PRO A 275 -10.14 -10.24 4.25
CA PRO A 275 -10.79 -9.22 3.43
C PRO A 275 -10.12 -9.02 2.08
N GLY A 276 -10.90 -8.92 1.01
CA GLY A 276 -10.35 -8.82 -0.32
C GLY A 276 -9.54 -7.56 -0.57
N ALA A 277 -9.91 -6.46 0.07
CA ALA A 277 -9.23 -5.19 -0.19
C ALA A 277 -7.88 -5.13 0.51
N ASN A 278 -7.59 -6.14 1.34
CA ASN A 278 -6.27 -6.30 1.93
C ASN A 278 -5.59 -7.57 1.45
N THR A 279 -6.00 -8.03 0.27
CA THR A 279 -5.41 -9.18 -0.40
C THR A 279 -4.89 -8.72 -1.74
N ARG A 280 -3.61 -9.00 -2.01
CA ARG A 280 -2.98 -8.56 -3.26
C ARG A 280 -2.72 -9.73 -4.20
N VAL A 281 -2.85 -9.45 -5.50
CA VAL A 281 -2.58 -10.42 -6.54
C VAL A 281 -1.71 -9.77 -7.61
N ARG A 282 -0.83 -10.56 -8.20
CA ARG A 282 -0.01 -10.07 -9.30
C ARG A 282 -0.80 -10.09 -10.60
N SER A 283 -0.86 -8.94 -11.25
CA SER A 283 -1.64 -8.80 -12.47
C SER A 283 -0.98 -7.78 -13.40
N TRP A 284 -1.71 -7.37 -14.43
CA TRP A 284 -1.16 -6.62 -15.54
C TRP A 284 -2.24 -5.91 -16.33
N THR A 285 -1.98 -4.66 -16.71
CA THR A 285 -2.81 -3.96 -17.69
C THR A 285 -1.88 -3.23 -18.65
N PRO A 286 -2.40 -2.80 -19.81
CA PRO A 286 -1.51 -2.19 -20.79
C PRO A 286 -0.78 -0.93 -20.29
N THR A 287 -1.45 -0.09 -19.53
CA THR A 287 -0.83 1.16 -19.07
C THR A 287 -0.02 0.94 -17.80
N ALA A 288 -0.52 0.08 -16.91
CA ALA A 288 0.20 -0.20 -15.68
C ALA A 288 1.37 -1.14 -15.90
N MET A 289 1.25 -1.96 -16.94
N MET A 289 1.26 -1.96 -16.94
CA MET A 289 2.07 -3.16 -17.09
CA MET A 289 2.12 -3.13 -17.08
C MET A 289 1.96 -3.94 -15.78
C MET A 289 1.97 -3.94 -15.79
N ALA A 290 3.04 -4.54 -15.30
CA ALA A 290 2.97 -5.37 -14.10
C ALA A 290 2.54 -4.54 -12.88
N GLN A 291 1.55 -5.03 -12.14
CA GLN A 291 1.05 -4.30 -10.97
C GLN A 291 0.43 -5.23 -9.95
N TYR A 292 0.31 -4.74 -8.72
CA TYR A 292 -0.55 -5.35 -7.75
C TYR A 292 -2.00 -4.96 -8.00
N GLY A 293 -2.87 -5.94 -7.96
CA GLY A 293 -4.30 -5.70 -7.86
C GLY A 293 -4.77 -6.16 -6.50
N PHE A 294 -5.90 -5.63 -6.05
CA PHE A 294 -6.55 -6.13 -4.85
C PHE A 294 -7.62 -7.15 -5.24
N LEU A 295 -7.66 -8.26 -4.50
CA LEU A 295 -8.55 -9.37 -4.81
C LEU A 295 -9.91 -9.14 -4.15
N VAL A 296 -10.56 -8.06 -4.55
CA VAL A 296 -11.85 -7.67 -4.02
C VAL A 296 -12.93 -8.55 -4.63
N THR A 297 -13.82 -9.09 -3.81
CA THR A 297 -14.91 -9.92 -4.33
C THR A 297 -15.84 -9.10 -5.21
N HIS A 298 -16.30 -9.74 -6.26
CA HIS A 298 -17.15 -9.14 -7.27
C HIS A 298 -18.06 -10.21 -7.84
N ASN A 299 -19.28 -9.84 -8.19
CA ASN A 299 -20.24 -10.78 -8.74
C ASN A 299 -19.69 -11.51 -9.96
N GLU A 300 -18.97 -10.79 -10.83
CA GLU A 300 -18.58 -11.35 -12.13
C GLU A 300 -17.51 -12.42 -11.96
N SER A 301 -16.78 -12.35 -10.85
CA SER A 301 -15.77 -13.34 -10.55
C SER A 301 -16.40 -14.73 -10.53
N ILE A 302 -17.62 -14.79 -10.00
CA ILE A 302 -18.38 -16.03 -9.97
C ILE A 302 -19.18 -16.22 -11.25
N SER A 303 -19.88 -15.18 -11.71
CA SER A 303 -20.82 -15.35 -12.82
C SER A 303 -20.12 -15.75 -14.12
N ILE A 304 -18.95 -15.16 -14.38
CA ILE A 304 -18.19 -15.47 -15.59
C ILE A 304 -17.64 -16.91 -15.54
N ALA A 305 -17.08 -17.28 -14.40
CA ALA A 305 -16.57 -18.64 -14.25
C ALA A 305 -17.71 -19.65 -14.37
N ASP A 306 -18.87 -19.31 -13.82
CA ASP A 306 -20.05 -20.15 -13.90
C ASP A 306 -20.51 -20.28 -15.35
N PHE A 307 -20.60 -19.15 -16.02
CA PHE A 307 -21.05 -19.09 -17.40
C PHE A 307 -20.19 -19.96 -18.30
N LEU A 308 -18.88 -19.92 -18.08
CA LEU A 308 -17.92 -20.61 -18.94
C LEU A 308 -17.55 -22.00 -18.43
N THR A 309 -18.43 -22.59 -17.63
CA THR A 309 -18.24 -23.95 -17.14
C THR A 309 -18.75 -24.98 -18.16
N VAL A 310 -17.91 -25.95 -18.47
CA VAL A 310 -18.32 -27.11 -19.27
C VAL A 310 -18.47 -28.28 -18.32
N ARG A 311 -19.60 -28.97 -18.40
CA ARG A 311 -19.86 -30.13 -17.56
C ARG A 311 -19.98 -31.40 -18.38
N ASP A 312 -19.67 -32.55 -17.76
CA ASP A 312 -19.86 -33.82 -18.42
C ASP A 312 -21.31 -34.27 -18.25
N ALA A 313 -21.63 -35.44 -18.80
CA ALA A 313 -23.00 -35.96 -18.75
C ALA A 313 -23.48 -36.21 -17.33
N ALA A 314 -22.55 -36.45 -16.41
CA ALA A 314 -22.89 -36.64 -15.00
C ALA A 314 -23.12 -35.30 -14.30
N GLY A 315 -22.77 -34.21 -14.97
CA GLY A 315 -22.95 -32.88 -14.41
C GLY A 315 -21.73 -32.39 -13.65
N GLN A 316 -20.64 -33.13 -13.74
CA GLN A 316 -19.40 -32.74 -13.10
C GLN A 316 -18.67 -31.74 -13.99
N ALA A 317 -18.11 -30.69 -13.39
CA ALA A 317 -17.40 -29.68 -14.16
C ALA A 317 -16.09 -30.26 -14.67
N VAL A 318 -15.90 -30.24 -15.99
CA VAL A 318 -14.64 -30.71 -16.58
C VAL A 318 -13.75 -29.53 -16.99
N TYR A 319 -14.35 -28.38 -17.26
CA TYR A 319 -13.59 -27.16 -17.48
C TYR A 319 -14.29 -25.96 -16.87
N ARG A 320 -13.48 -25.07 -16.31
CA ARG A 320 -13.97 -23.81 -15.78
C ARG A 320 -12.75 -22.89 -15.63
N PRO A 321 -12.89 -21.61 -16.01
CA PRO A 321 -11.73 -20.72 -15.85
C PRO A 321 -11.68 -20.14 -14.44
N THR A 322 -10.48 -19.91 -13.92
CA THR A 322 -10.35 -19.04 -12.76
C THR A 322 -10.81 -17.66 -13.19
N CYS A 323 -11.44 -16.93 -12.28
CA CYS A 323 -11.85 -15.57 -12.59
C CYS A 323 -11.92 -14.73 -11.33
N HIS A 324 -11.23 -13.60 -11.33
CA HIS A 324 -11.35 -12.69 -10.21
C HIS A 324 -10.84 -11.29 -10.52
N TYR A 325 -11.22 -10.39 -9.63
CA TYR A 325 -10.84 -9.00 -9.69
C TYR A 325 -9.35 -8.86 -9.37
N ALA A 326 -8.66 -8.00 -10.11
CA ALA A 326 -7.32 -7.58 -9.73
C ALA A 326 -7.31 -6.07 -9.85
N TYR A 327 -7.73 -5.40 -8.79
CA TYR A 327 -8.09 -3.99 -8.81
C TYR A 327 -6.98 -3.11 -8.30
N HIS A 328 -6.48 -2.22 -9.16
CA HIS A 328 -5.62 -1.14 -8.72
C HIS A 328 -6.41 0.16 -8.81
N PRO A 329 -6.98 0.60 -7.68
CA PRO A 329 -7.78 1.83 -7.74
C PRO A 329 -6.90 3.06 -7.87
N CYS A 330 -7.49 4.25 -7.87
CA CYS A 330 -6.70 5.47 -7.94
C CYS A 330 -5.74 5.53 -6.76
N ASN A 331 -4.65 6.28 -6.92
CA ASN A 331 -3.62 6.33 -5.91
C ASN A 331 -4.16 6.77 -4.55
N ASP A 332 -5.13 7.69 -4.56
CA ASP A 332 -5.66 8.19 -3.29
C ASP A 332 -6.47 7.09 -2.61
N ALA A 333 -7.07 6.20 -3.40
CA ALA A 333 -7.80 5.06 -2.85
C ALA A 333 -6.83 4.00 -2.31
N VAL A 334 -5.71 3.82 -2.99
CA VAL A 334 -4.66 2.94 -2.47
C VAL A 334 -4.21 3.43 -1.10
N LEU A 335 -3.93 4.72 -0.99
CA LEU A 335 -3.53 5.31 0.28
C LEU A 335 -4.65 5.17 1.31
N SER A 336 -5.90 5.30 0.85
CA SER A 336 -7.04 5.20 1.75
C SER A 336 -7.16 3.79 2.35
N LEU A 337 -6.85 2.77 1.55
CA LEU A 337 -6.89 1.41 2.04
C LEU A 337 -5.78 1.17 3.05
N HIS A 338 -4.60 1.70 2.74
CA HIS A 338 -3.44 1.58 3.63
C HIS A 338 -3.76 2.23 4.97
N GLU A 339 -4.47 3.35 4.92
CA GLU A 339 -4.84 4.10 6.11
C GLU A 339 -5.91 3.36 6.90
N MET A 340 -6.92 2.86 6.19
CA MET A 340 -8.04 2.15 6.81
C MET A 340 -7.60 0.86 7.48
N PHE A 341 -6.93 -0.01 6.75
CA PHE A 341 -6.50 -1.27 7.33
C PHE A 341 -5.41 -1.03 8.38
N GLY A 342 -4.61 0.00 8.17
CA GLY A 342 -3.55 0.33 9.10
C GLY A 342 -4.07 0.80 10.45
N SER A 343 -5.23 1.45 10.44
CA SER A 343 -5.80 1.95 11.67
C SER A 343 -6.81 0.96 12.25
N GLY A 344 -7.30 0.04 11.41
CA GLY A 344 -8.28 -0.93 11.83
C GLY A 344 -9.67 -0.34 11.94
N LYS A 345 -9.88 0.83 11.34
CA LYS A 345 -11.21 1.44 11.34
C LYS A 345 -11.40 2.34 10.13
N ARG A 346 -12.65 2.51 9.73
CA ARG A 346 -13.02 3.45 8.68
C ARG A 346 -12.63 4.86 9.07
N GLN A 347 -12.20 5.65 8.09
CA GLN A 347 -11.89 7.05 8.31
C GLN A 347 -13.12 7.80 8.79
N SER A 348 -12.89 8.95 9.43
CA SER A 348 -13.99 9.76 9.96
C SER A 348 -14.85 10.36 8.86
N ASP A 349 -14.29 10.50 7.67
CA ASP A 349 -14.98 11.16 6.57
C ASP A 349 -14.59 10.50 5.25
N TRP A 350 -15.29 10.83 4.18
CA TRP A 350 -14.93 10.32 2.86
C TRP A 350 -15.37 11.26 1.76
N ARG A 351 -14.84 11.08 0.58
CA ARG A 351 -15.27 11.86 -0.57
C ARG A 351 -15.00 11.12 -1.85
N ILE A 352 -15.87 11.36 -2.82
CA ILE A 352 -15.73 10.81 -4.16
C ILE A 352 -15.23 11.91 -5.08
N LEU A 353 -14.09 11.68 -5.72
CA LEU A 353 -13.54 12.64 -6.65
C LEU A 353 -14.49 12.81 -7.81
N ASP A 354 -14.84 14.06 -8.13
CA ASP A 354 -15.70 14.29 -9.26
C ASP A 354 -14.97 15.03 -10.36
N GLU A 355 -15.66 15.17 -11.48
CA GLU A 355 -15.14 15.74 -12.70
C GLU A 355 -14.48 17.09 -12.46
N THR A 356 -15.04 17.90 -11.58
CA THR A 356 -14.52 19.26 -11.36
C THR A 356 -13.18 19.28 -10.63
N GLU A 357 -12.79 18.13 -10.07
CA GLU A 357 -11.61 18.04 -9.21
C GLU A 357 -10.46 17.26 -9.86
N ILE A 358 -10.79 16.33 -10.73
CA ILE A 358 -9.80 15.43 -11.33
C ILE A 358 -9.04 16.14 -12.45
N VAL A 359 -7.71 16.18 -12.32
CA VAL A 359 -6.87 16.90 -13.26
C VAL A 359 -6.50 16.07 -14.48
N ASP A 360 -6.34 14.77 -14.28
CA ASP A 360 -6.04 13.86 -15.38
C ASP A 360 -6.27 12.41 -14.96
N GLY A 361 -6.04 11.50 -15.89
CA GLY A 361 -6.13 10.08 -15.62
C GLY A 361 -7.17 9.35 -16.43
N ILE A 362 -7.11 8.03 -16.34
CA ILE A 362 -8.03 7.15 -17.05
C ILE A 362 -8.52 6.09 -16.08
N ASP A 363 -9.60 5.42 -16.45
CA ASP A 363 -9.98 4.21 -15.77
C ASP A 363 -9.81 3.10 -16.77
N GLU A 364 -8.65 2.45 -16.68
CA GLU A 364 -8.32 1.37 -17.58
C GLU A 364 -8.92 0.09 -17.04
N LEU A 365 -9.96 -0.39 -17.72
CA LEU A 365 -10.75 -1.49 -17.20
C LEU A 365 -10.99 -2.51 -18.29
N GLY A 366 -10.51 -3.73 -18.07
CA GLY A 366 -10.65 -4.77 -19.06
C GLY A 366 -10.52 -6.15 -18.45
N VAL A 367 -10.51 -7.14 -19.34
CA VAL A 367 -10.41 -8.53 -18.95
C VAL A 367 -9.10 -9.10 -19.48
N LEU A 368 -8.36 -9.78 -18.60
CA LEU A 368 -7.08 -10.37 -18.93
C LEU A 368 -7.27 -11.86 -19.02
N LEU A 369 -7.41 -12.38 -20.24
CA LEU A 369 -7.51 -13.81 -20.48
C LEU A 369 -6.12 -14.40 -20.59
N TYR A 370 -5.83 -15.45 -19.83
CA TYR A 370 -4.49 -16.02 -19.81
C TYR A 370 -4.46 -17.54 -19.87
N GLY A 371 -3.28 -18.07 -20.24
CA GLY A 371 -3.07 -19.51 -20.26
C GLY A 371 -3.21 -20.13 -21.64
N HIS A 372 -3.70 -19.35 -22.59
CA HIS A 372 -3.85 -19.79 -23.96
C HIS A 372 -2.53 -19.69 -24.71
N GLY A 373 -2.57 -19.98 -26.01
CA GLY A 373 -1.36 -20.02 -26.82
C GLY A 373 -0.63 -18.69 -26.95
N LYS A 374 -1.35 -17.59 -26.81
CA LYS A 374 -0.73 -16.28 -26.93
C LYS A 374 -0.47 -15.69 -25.54
N ASN A 375 -0.45 -16.57 -24.55
CA ASN A 375 -0.12 -16.28 -23.15
C ASN A 375 -1.17 -15.46 -22.43
N ALA A 376 -1.29 -14.20 -22.81
CA ALA A 376 -2.22 -13.31 -22.13
C ALA A 376 -2.70 -12.20 -23.05
N TYR A 377 -3.97 -11.87 -22.92
CA TYR A 377 -4.65 -10.93 -23.79
C TYR A 377 -5.57 -10.06 -22.95
N TRP A 378 -5.31 -8.75 -22.96
CA TRP A 378 -6.12 -7.77 -22.23
C TRP A 378 -7.06 -7.08 -23.21
N TYR A 379 -8.35 -7.12 -22.92
CA TYR A 379 -9.32 -6.43 -23.74
C TYR A 379 -10.19 -5.53 -22.87
N GLY A 380 -10.28 -4.26 -23.25
CA GLY A 380 -11.11 -3.35 -22.49
C GLY A 380 -10.99 -1.88 -22.85
N SER A 381 -11.51 -1.06 -21.95
CA SER A 381 -11.65 0.38 -22.13
C SER A 381 -10.50 1.14 -21.47
N GLN A 382 -10.05 2.21 -22.12
CA GLN A 382 -9.01 3.09 -21.57
C GLN A 382 -9.55 4.52 -21.43
N LEU A 383 -10.83 4.62 -21.13
CA LEU A 383 -11.53 5.90 -21.04
C LEU A 383 -10.82 6.90 -20.13
N SER A 384 -10.59 8.10 -20.66
CA SER A 384 -9.93 9.18 -19.92
C SER A 384 -10.94 10.18 -19.37
N ILE A 385 -10.53 10.89 -18.34
CA ILE A 385 -11.37 11.93 -17.78
C ILE A 385 -11.57 13.04 -18.82
N GLU A 386 -10.54 13.30 -19.63
CA GLU A 386 -10.67 14.33 -20.67
C GLU A 386 -11.77 13.97 -21.66
N GLU A 387 -11.79 12.74 -22.15
CA GLU A 387 -12.85 12.38 -23.07
C GLU A 387 -14.19 12.39 -22.37
N THR A 388 -14.22 11.89 -21.13
CA THR A 388 -15.46 11.84 -20.38
C THR A 388 -16.14 13.21 -20.38
N ARG A 389 -15.37 14.24 -20.04
CA ARG A 389 -15.90 15.60 -19.98
C ARG A 389 -16.46 16.08 -21.32
N ARG A 390 -15.90 15.57 -22.41
N ARG A 390 -15.90 15.58 -22.41
CA ARG A 390 -16.33 15.98 -23.73
CA ARG A 390 -16.33 15.97 -23.74
C ARG A 390 -17.67 15.35 -24.15
C ARG A 390 -17.68 15.37 -24.12
N ILE A 391 -17.97 14.17 -23.61
CA ILE A 391 -19.12 13.39 -24.09
C ILE A 391 -20.25 13.15 -23.08
N ALA A 392 -20.02 13.39 -21.79
CA ALA A 392 -21.07 13.15 -20.81
C ALA A 392 -20.86 13.99 -19.55
N PRO A 393 -21.93 14.59 -19.02
CA PRO A 393 -21.80 15.46 -17.86
C PRO A 393 -21.91 14.74 -16.53
N ASP A 394 -21.50 15.44 -15.47
CA ASP A 394 -21.77 15.06 -14.09
C ASP A 394 -21.14 13.75 -13.63
N GLN A 395 -20.02 13.37 -14.24
CA GLN A 395 -19.35 12.15 -13.82
C GLN A 395 -17.90 12.09 -14.27
N ASN A 396 -17.12 11.24 -13.60
CA ASN A 396 -15.76 10.99 -14.01
C ASN A 396 -15.72 9.73 -14.87
N ALA A 397 -14.53 9.31 -15.27
CA ALA A 397 -14.38 8.19 -16.19
C ALA A 397 -14.89 6.91 -15.57
N THR A 398 -14.65 6.74 -14.28
CA THR A 398 -15.13 5.57 -13.58
C THR A 398 -16.65 5.52 -13.69
N GLY A 399 -17.29 6.65 -13.41
CA GLY A 399 -18.74 6.72 -13.42
C GLY A 399 -19.31 6.46 -14.80
N LEU A 400 -18.64 6.95 -15.83
CA LEU A 400 -19.19 6.84 -17.17
C LEU A 400 -19.16 5.40 -17.69
N GLN A 401 -18.17 4.63 -17.30
CA GLN A 401 -18.15 3.23 -17.72
C GLN A 401 -19.33 2.48 -17.13
N VAL A 402 -19.70 2.86 -15.92
CA VAL A 402 -20.83 2.26 -15.23
C VAL A 402 -22.17 2.73 -15.79
N SER A 403 -22.34 4.05 -15.87
CA SER A 403 -23.61 4.61 -16.32
C SER A 403 -23.91 4.18 -17.76
N SER A 404 -22.89 4.12 -18.60
CA SER A 404 -23.12 3.70 -19.99
C SER A 404 -23.49 2.21 -20.06
N ALA A 405 -23.01 1.43 -19.10
CA ALA A 405 -23.37 0.01 -19.06
C ALA A 405 -24.82 -0.13 -18.63
N VAL A 406 -25.25 0.69 -17.68
CA VAL A 406 -26.64 0.69 -17.25
C VAL A 406 -27.51 1.08 -18.44
N LEU A 407 -27.04 2.05 -19.21
CA LEU A 407 -27.76 2.46 -20.42
C LEU A 407 -27.93 1.27 -21.36
N ALA A 408 -26.85 0.54 -21.57
CA ALA A 408 -26.89 -0.59 -22.49
C ALA A 408 -27.85 -1.65 -21.99
N GLY A 409 -27.76 -1.96 -20.70
CA GLY A 409 -28.67 -2.91 -20.08
C GLY A 409 -30.12 -2.49 -20.20
N MET A 410 -30.38 -1.20 -20.07
CA MET A 410 -31.74 -0.69 -20.18
C MET A 410 -32.25 -0.86 -21.60
N VAL A 411 -31.44 -0.51 -22.58
CA VAL A 411 -31.83 -0.69 -23.97
C VAL A 411 -32.12 -2.18 -24.20
N TRP A 412 -31.22 -3.04 -23.75
CA TRP A 412 -31.41 -4.46 -23.95
C TRP A 412 -32.71 -4.95 -23.29
N ALA A 413 -32.96 -4.50 -22.06
CA ALA A 413 -34.15 -4.92 -21.33
C ALA A 413 -35.41 -4.49 -22.06
N LEU A 414 -35.39 -3.26 -22.58
CA LEU A 414 -36.53 -2.72 -23.32
C LEU A 414 -36.76 -3.49 -24.62
N GLU A 415 -35.67 -3.94 -25.23
CA GLU A 415 -35.74 -4.68 -26.49
C GLU A 415 -36.08 -6.15 -26.26
N ASN A 416 -35.72 -6.66 -25.09
CA ASN A 416 -35.98 -8.05 -24.70
C ASN A 416 -36.71 -8.07 -23.37
N PRO A 417 -37.97 -7.67 -23.35
CA PRO A 417 -38.62 -7.38 -22.06
C PRO A 417 -39.30 -8.56 -21.37
N ASN A 418 -39.23 -9.75 -21.97
CA ASN A 418 -39.86 -10.94 -21.40
C ASN A 418 -38.84 -12.06 -21.14
N ALA A 419 -37.62 -11.68 -20.78
CA ALA A 419 -36.51 -12.61 -20.68
C ALA A 419 -36.28 -13.12 -19.27
N GLY A 420 -37.04 -12.62 -18.32
CA GLY A 420 -36.91 -13.03 -16.93
C GLY A 420 -35.66 -12.46 -16.28
N ILE A 421 -35.28 -13.03 -15.14
CA ILE A 421 -34.08 -12.59 -14.44
C ILE A 421 -32.84 -12.99 -15.25
N VAL A 422 -32.00 -12.01 -15.57
CA VAL A 422 -30.81 -12.24 -16.38
C VAL A 422 -29.57 -11.56 -15.82
N GLU A 423 -28.42 -12.17 -16.04
CA GLU A 423 -27.13 -11.59 -15.70
C GLU A 423 -26.53 -10.94 -16.94
N ALA A 424 -25.46 -10.17 -16.75
CA ALA A 424 -24.79 -9.53 -17.87
C ALA A 424 -24.32 -10.57 -18.88
N ASP A 425 -24.03 -11.77 -18.39
CA ASP A 425 -23.55 -12.85 -19.24
C ASP A 425 -24.65 -13.41 -20.14
N ASP A 426 -25.91 -13.13 -19.80
CA ASP A 426 -27.06 -13.62 -20.56
C ASP A 426 -27.45 -12.68 -21.70
N LEU A 427 -26.94 -11.45 -21.66
CA LEU A 427 -27.35 -10.44 -22.64
C LEU A 427 -26.63 -10.61 -23.97
N ASP A 428 -27.21 -10.06 -25.03
CA ASP A 428 -26.55 -9.98 -26.33
C ASP A 428 -25.38 -9.01 -26.20
N PHE A 429 -24.16 -9.55 -26.14
CA PHE A 429 -23.01 -8.71 -25.86
C PHE A 429 -22.70 -7.75 -26.99
N ARG A 430 -23.00 -8.12 -28.22
CA ARG A 430 -22.75 -7.23 -29.33
C ARG A 430 -23.68 -6.02 -29.28
N ARG A 431 -24.96 -6.25 -29.02
CA ARG A 431 -25.92 -5.14 -28.94
C ARG A 431 -25.57 -4.20 -27.80
N CYS A 432 -25.23 -4.78 -26.65
CA CYS A 432 -24.90 -4.00 -25.47
C CYS A 432 -23.66 -3.14 -25.73
N LEU A 433 -22.62 -3.72 -26.32
CA LEU A 433 -21.41 -2.96 -26.60
C LEU A 433 -21.62 -1.94 -27.71
N GLU A 434 -22.56 -2.21 -28.61
CA GLU A 434 -22.91 -1.25 -29.65
C GLU A 434 -23.44 0.02 -29.02
N VAL A 435 -24.27 -0.14 -27.99
CA VAL A 435 -24.85 0.98 -27.28
C VAL A 435 -23.81 1.67 -26.39
N GLN A 436 -22.94 0.87 -25.77
CA GLN A 436 -22.04 1.42 -24.76
C GLN A 436 -20.76 2.02 -25.34
N THR A 437 -20.27 1.50 -26.44
CA THR A 437 -18.93 1.84 -26.91
C THR A 437 -18.69 3.34 -27.16
N PRO A 438 -19.72 4.09 -27.56
CA PRO A 438 -19.49 5.53 -27.71
C PRO A 438 -19.02 6.24 -26.43
N TYR A 439 -19.17 5.59 -25.29
CA TYR A 439 -18.79 6.18 -24.00
C TYR A 439 -17.61 5.49 -23.33
N LEU A 440 -16.90 4.64 -24.06
CA LEU A 440 -15.82 3.84 -23.46
C LEU A 440 -14.41 4.27 -23.87
N GLY A 441 -14.28 5.31 -24.69
CA GLY A 441 -12.98 5.77 -25.12
C GLY A 441 -12.30 4.67 -25.92
N PRO A 442 -10.96 4.62 -25.89
CA PRO A 442 -10.28 3.55 -26.63
C PRO A 442 -10.69 2.17 -26.12
N VAL A 443 -11.09 1.28 -27.02
CA VAL A 443 -11.39 -0.10 -26.65
C VAL A 443 -10.46 -0.99 -27.45
N VAL A 444 -9.49 -1.57 -26.74
CA VAL A 444 -8.36 -2.22 -27.40
C VAL A 444 -8.09 -3.61 -26.85
N GLY A 445 -7.47 -4.43 -27.68
CA GLY A 445 -6.99 -5.74 -27.29
C GLY A 445 -5.48 -5.77 -27.39
N VAL A 446 -4.82 -6.17 -26.31
CA VAL A 446 -3.38 -6.13 -26.20
C VAL A 446 -2.84 -7.46 -25.69
N TYR A 447 -1.92 -8.05 -26.44
CA TYR A 447 -1.20 -9.23 -25.97
C TYR A 447 0.05 -8.85 -25.19
N THR A 448 0.43 -9.72 -24.25
CA THR A 448 1.66 -9.53 -23.49
C THR A 448 2.32 -10.87 -23.20
N ASP A 449 3.64 -10.85 -23.07
CA ASP A 449 4.39 -12.04 -22.69
C ASP A 449 4.61 -12.07 -21.19
N TRP A 450 4.15 -11.04 -20.48
CA TRP A 450 4.28 -11.03 -19.04
C TRP A 450 3.56 -12.22 -18.42
N THR A 451 4.14 -12.77 -17.36
CA THR A 451 3.45 -13.74 -16.53
C THR A 451 3.76 -13.42 -15.08
N PRO A 452 3.00 -14.01 -14.15
CA PRO A 452 3.25 -13.79 -12.72
C PRO A 452 4.63 -14.23 -12.25
N LEU A 453 5.37 -15.01 -13.05
CA LEU A 453 6.70 -15.47 -12.65
C LEU A 453 7.82 -14.63 -13.25
N ALA A 454 7.45 -13.57 -13.96
CA ALA A 454 8.44 -12.65 -14.50
C ALA A 454 9.37 -12.17 -13.40
N GLY A 455 10.67 -12.39 -13.60
CA GLY A 455 11.68 -11.92 -12.69
C GLY A 455 11.79 -12.71 -11.39
N ARG A 456 11.10 -13.84 -11.31
CA ARG A 456 11.05 -14.65 -10.10
C ARG A 456 11.65 -16.03 -10.32
N PRO A 457 12.18 -16.66 -9.26
CA PRO A 457 12.18 -16.15 -7.88
C PRO A 457 13.21 -15.05 -7.67
N GLY A 458 13.05 -14.30 -6.58
CA GLY A 458 13.92 -13.18 -6.27
C GLY A 458 14.98 -13.53 -5.25
N LEU A 459 15.17 -12.64 -4.29
CA LEU A 459 16.24 -12.76 -3.30
C LEU A 459 15.87 -13.70 -2.15
N PHE A 460 14.61 -14.11 -2.09
CA PHE A 460 14.12 -14.96 -1.00
C PHE A 460 13.44 -16.21 -1.55
N PRO A 461 13.35 -17.27 -0.73
CA PRO A 461 12.63 -18.45 -1.18
C PRO A 461 11.16 -18.15 -1.43
N GLU A 462 10.62 -18.67 -2.52
CA GLU A 462 9.23 -18.46 -2.88
C GLU A 462 8.55 -19.79 -3.19
N ASP A 463 7.27 -19.87 -2.89
CA ASP A 463 6.48 -21.06 -3.16
C ASP A 463 5.81 -20.92 -4.53
N ILE A 464 6.53 -21.27 -5.58
CA ILE A 464 6.03 -21.05 -6.93
C ILE A 464 6.00 -22.33 -7.76
N ASP A 465 5.12 -22.31 -8.76
CA ASP A 465 4.98 -23.40 -9.70
C ASP A 465 5.50 -22.95 -11.06
N THR A 466 6.74 -23.32 -11.38
CA THR A 466 7.35 -22.90 -12.64
C THR A 466 6.81 -23.64 -13.86
N SER A 467 6.05 -24.71 -13.63
CA SER A 467 5.53 -25.49 -14.75
C SER A 467 4.27 -24.85 -15.33
N ASP A 468 3.72 -23.87 -14.62
CA ASP A 468 2.45 -23.28 -14.99
C ASP A 468 2.39 -21.87 -14.37
N PRO A 469 2.94 -20.87 -15.09
CA PRO A 469 3.11 -19.52 -14.55
C PRO A 469 1.84 -18.87 -14.00
N TRP A 470 0.69 -19.20 -14.57
CA TRP A 470 -0.55 -18.50 -14.21
C TRP A 470 -1.35 -19.16 -13.08
N GLN A 471 -0.80 -20.23 -12.49
CA GLN A 471 -1.37 -20.81 -11.27
C GLN A 471 -1.61 -19.75 -10.20
N PHE A 472 -2.76 -19.83 -9.53
CA PHE A 472 -3.07 -18.92 -8.44
C PHE A 472 -1.93 -18.90 -7.41
N ARG A 473 -1.28 -20.05 -7.24
CA ARG A 473 -0.11 -20.14 -6.38
C ARG A 473 0.90 -19.02 -6.67
N ASN A 474 1.06 -18.68 -7.95
CA ASN A 474 2.05 -17.68 -8.35
C ASN A 474 1.49 -16.26 -8.36
N VAL A 475 0.17 -16.15 -8.40
CA VAL A 475 -0.50 -14.86 -8.49
C VAL A 475 -0.70 -14.24 -7.11
N LEU A 476 -1.14 -15.06 -6.15
CA LEU A 476 -1.47 -14.55 -4.82
C LEU A 476 -0.22 -14.09 -4.08
N VAL A 477 -0.30 -12.90 -3.50
CA VAL A 477 0.81 -12.38 -2.69
C VAL A 477 0.70 -12.89 -1.27
N ARG A 478 1.77 -13.56 -0.83
CA ARG A 478 1.83 -14.21 0.47
C ARG A 478 3.02 -13.74 1.31
N ASP A 479 3.89 -12.93 0.70
CA ASP A 479 5.24 -12.60 1.21
C ASP A 479 5.57 -13.12 2.61
N ASP B 5 23.04 33.74 16.19
CA ASP B 5 24.18 33.57 17.07
C ASP B 5 24.37 32.09 17.43
N TRP B 6 24.56 31.27 16.41
CA TRP B 6 24.69 29.83 16.59
C TRP B 6 25.97 29.44 17.35
N PRO B 7 25.90 28.39 18.18
CA PRO B 7 27.09 28.01 18.95
C PRO B 7 28.18 27.38 18.08
N VAL B 8 29.42 27.81 18.30
CA VAL B 8 30.58 27.18 17.69
C VAL B 8 31.22 26.30 18.75
N TYR B 9 31.02 25.00 18.62
CA TYR B 9 31.38 24.05 19.67
C TYR B 9 32.88 23.83 19.80
N HIS B 10 33.55 23.58 18.68
CA HIS B 10 34.97 23.26 18.70
C HIS B 10 35.68 23.68 17.43
N ARG B 11 37.00 23.66 17.50
CA ARG B 11 37.82 23.81 16.32
C ARG B 11 38.21 22.44 15.80
N ILE B 12 38.01 22.22 14.50
CA ILE B 12 38.58 21.07 13.82
C ILE B 12 39.81 21.57 13.09
N ASP B 13 40.98 21.11 13.52
CA ASP B 13 42.24 21.62 12.97
C ASP B 13 42.91 20.56 12.11
N GLY B 14 42.09 19.76 11.44
CA GLY B 14 42.57 18.79 10.48
C GLY B 14 41.65 18.80 9.28
N PRO B 15 41.92 17.93 8.31
CA PRO B 15 41.06 17.86 7.12
C PRO B 15 39.68 17.31 7.45
N ILE B 16 38.67 17.85 6.81
CA ILE B 16 37.30 17.33 6.92
C ILE B 16 36.93 16.68 5.60
N VAL B 17 36.86 15.37 5.61
CA VAL B 17 36.67 14.60 4.39
C VAL B 17 35.26 14.03 4.33
N MET B 18 34.41 14.65 3.52
N MET B 18 34.41 14.65 3.51
CA MET B 18 33.03 14.21 3.38
CA MET B 18 33.04 14.21 3.38
C MET B 18 32.91 13.29 2.18
C MET B 18 32.91 13.29 2.17
N ILE B 19 32.53 12.05 2.44
CA ILE B 19 32.35 11.06 1.40
C ILE B 19 30.85 10.99 1.11
N GLY B 20 30.46 11.50 -0.05
CA GLY B 20 29.08 11.51 -0.47
C GLY B 20 28.47 12.87 -0.24
N PHE B 21 27.71 13.35 -1.22
CA PHE B 21 27.12 14.67 -1.16
C PHE B 21 25.74 14.62 -1.79
N GLY B 22 24.90 13.73 -1.25
CA GLY B 22 23.51 13.63 -1.61
C GLY B 22 22.66 14.43 -0.64
N SER B 23 21.47 13.93 -0.32
CA SER B 23 20.54 14.71 0.49
C SER B 23 21.13 14.97 1.89
N ILE B 24 21.78 13.98 2.48
CA ILE B 24 22.33 14.15 3.83
C ILE B 24 23.61 14.98 3.82
N GLY B 25 24.49 14.73 2.86
CA GLY B 25 25.70 15.51 2.73
C GLY B 25 25.38 16.99 2.58
N ARG B 26 24.40 17.29 1.74
CA ARG B 26 23.99 18.67 1.47
C ARG B 26 23.41 19.35 2.70
N GLY B 27 22.70 18.60 3.54
CA GLY B 27 22.13 19.15 4.75
C GLY B 27 23.17 19.27 5.85
N THR B 28 24.20 18.44 5.81
CA THR B 28 25.17 18.35 6.90
C THR B 28 26.29 19.38 6.79
N LEU B 29 26.73 19.63 5.56
CA LEU B 29 27.84 20.57 5.34
C LEU B 29 27.59 21.94 5.98
N PRO B 30 26.38 22.52 5.76
CA PRO B 30 26.14 23.82 6.38
C PRO B 30 26.13 23.79 7.90
N LEU B 31 25.75 22.67 8.50
CA LEU B 31 25.81 22.56 9.95
C LEU B 31 27.26 22.48 10.43
N ILE B 32 28.09 21.81 9.64
CA ILE B 32 29.52 21.73 9.94
C ILE B 32 30.14 23.12 9.87
N GLU B 33 29.80 23.85 8.81
CA GLU B 33 30.29 25.21 8.63
C GLU B 33 29.79 26.14 9.73
N ARG B 34 28.56 25.92 10.16
CA ARG B 34 27.92 26.76 11.17
C ARG B 34 28.49 26.54 12.57
N HIS B 35 28.79 25.29 12.91
CA HIS B 35 29.04 24.93 14.31
C HIS B 35 30.49 24.57 14.62
N PHE B 36 31.36 24.60 13.61
CA PHE B 36 32.77 24.29 13.83
C PHE B 36 33.67 25.37 13.26
N ALA B 37 34.78 25.61 13.94
CA ALA B 37 35.82 26.52 13.46
C ALA B 37 36.85 25.72 12.68
N PHE B 38 37.15 26.17 11.46
CA PHE B 38 38.15 25.54 10.63
C PHE B 38 38.35 26.41 9.39
N ASP B 39 39.47 26.21 8.69
CA ASP B 39 39.71 26.92 7.44
C ASP B 39 38.96 26.17 6.34
N ARG B 40 38.14 26.91 5.60
CA ARG B 40 37.22 26.33 4.66
C ARG B 40 37.91 25.51 3.57
N SER B 41 39.19 25.79 3.34
CA SER B 41 39.92 25.09 2.29
C SER B 41 40.33 23.67 2.70
N LYS B 42 40.21 23.35 3.99
CA LYS B 42 40.61 22.04 4.50
C LYS B 42 39.48 21.01 4.42
N LEU B 43 38.34 21.46 3.92
CA LEU B 43 37.21 20.57 3.69
C LEU B 43 37.28 20.02 2.27
N VAL B 44 37.02 18.74 2.09
CA VAL B 44 36.99 18.13 0.77
C VAL B 44 35.77 17.23 0.67
N VAL B 45 35.11 17.29 -0.49
CA VAL B 45 33.93 16.48 -0.76
C VAL B 45 34.24 15.52 -1.89
N ILE B 46 33.87 14.25 -1.71
CA ILE B 46 34.10 13.21 -2.72
C ILE B 46 32.78 12.57 -3.13
N ASP B 47 32.46 12.62 -4.41
CA ASP B 47 31.20 12.06 -4.92
C ASP B 47 31.30 11.89 -6.43
N PRO B 48 30.90 10.73 -6.96
CA PRO B 48 31.05 10.51 -8.41
C PRO B 48 30.08 11.31 -9.30
N SER B 49 29.02 11.88 -8.75
CA SER B 49 27.98 12.47 -9.59
C SER B 49 28.24 13.93 -9.97
N ASP B 50 27.81 14.28 -11.18
CA ASP B 50 27.91 15.65 -11.67
C ASP B 50 27.05 16.58 -10.83
N GLU B 51 25.89 16.10 -10.40
CA GLU B 51 24.97 16.89 -9.58
C GLU B 51 25.67 17.34 -8.31
N ALA B 52 26.35 16.41 -7.66
CA ALA B 52 27.09 16.69 -6.44
C ALA B 52 28.17 17.72 -6.72
N ARG B 53 28.91 17.55 -7.81
CA ARG B 53 30.01 18.45 -8.13
C ARG B 53 29.49 19.88 -8.24
N LYS B 54 28.42 20.06 -8.99
CA LYS B 54 27.90 21.41 -9.22
C LYS B 54 27.42 22.05 -7.91
N LEU B 55 26.85 21.27 -7.00
CA LEU B 55 26.41 21.82 -5.73
C LEU B 55 27.62 22.21 -4.86
N ALA B 56 28.65 21.37 -4.88
CA ALA B 56 29.86 21.62 -4.08
C ALA B 56 30.57 22.86 -4.60
N GLU B 57 30.67 22.97 -5.92
CA GLU B 57 31.34 24.11 -6.54
C GLU B 57 30.60 25.40 -6.20
N ALA B 58 29.28 25.32 -6.15
CA ALA B 58 28.45 26.47 -5.80
C ALA B 58 28.73 26.93 -4.38
N ARG B 59 29.21 26.02 -3.55
CA ARG B 59 29.56 26.35 -2.18
C ARG B 59 31.05 26.65 -2.02
N GLY B 60 31.77 26.65 -3.13
CA GLY B 60 33.19 26.94 -3.11
C GLY B 60 34.01 25.94 -2.32
N VAL B 61 33.55 24.70 -2.27
CA VAL B 61 34.24 23.64 -1.53
C VAL B 61 35.02 22.74 -2.48
N ARG B 62 36.21 22.33 -2.04
CA ARG B 62 37.04 21.42 -2.82
C ARG B 62 36.28 20.13 -3.11
N PHE B 63 36.31 19.68 -4.35
CA PHE B 63 35.51 18.52 -4.78
C PHE B 63 36.34 17.55 -5.60
N ILE B 64 36.21 16.26 -5.27
CA ILE B 64 36.82 15.20 -6.05
C ILE B 64 35.70 14.32 -6.62
N GLN B 65 35.58 14.30 -7.95
CA GLN B 65 34.51 13.53 -8.58
C GLN B 65 34.97 12.11 -8.83
N GLN B 66 34.88 11.30 -7.79
CA GLN B 66 35.29 9.90 -7.85
C GLN B 66 34.39 9.03 -6.98
N ALA B 67 34.11 7.83 -7.47
CA ALA B 67 33.48 6.82 -6.66
C ALA B 67 34.56 6.14 -5.82
N VAL B 68 34.34 6.08 -4.50
CA VAL B 68 35.25 5.36 -3.62
C VAL B 68 34.96 3.87 -3.75
N THR B 69 35.98 3.10 -4.14
CA THR B 69 35.81 1.67 -4.35
C THR B 69 36.81 0.88 -3.52
N ARG B 70 36.61 -0.42 -3.41
CA ARG B 70 37.56 -1.26 -2.69
C ARG B 70 38.94 -1.16 -3.33
N ASP B 71 38.98 -0.92 -4.63
CA ASP B 71 40.23 -0.87 -5.38
C ASP B 71 41.02 0.42 -5.17
N ASN B 72 40.33 1.54 -4.89
CA ASN B 72 41.01 2.84 -4.81
C ASN B 72 40.96 3.55 -3.44
N TYR B 73 40.21 3.03 -2.48
CA TYR B 73 39.90 3.83 -1.31
C TYR B 73 41.13 4.11 -0.44
N ARG B 74 42.09 3.19 -0.41
CA ARG B 74 43.32 3.41 0.34
C ARG B 74 44.15 4.54 -0.27
N GLU B 75 44.47 4.43 -1.56
CA GLU B 75 45.31 5.41 -2.20
C GLU B 75 44.60 6.76 -2.32
N LEU B 76 43.27 6.74 -2.36
CA LEU B 76 42.50 7.98 -2.45
C LEU B 76 42.37 8.69 -1.10
N LEU B 77 42.02 7.96 -0.06
CA LEU B 77 41.63 8.58 1.20
C LEU B 77 42.77 8.83 2.18
N VAL B 78 43.81 8.00 2.15
CA VAL B 78 44.88 8.14 3.14
C VAL B 78 45.51 9.54 3.07
N PRO B 79 45.88 9.99 1.87
CA PRO B 79 46.48 11.32 1.80
C PRO B 79 45.55 12.43 2.27
N LEU B 80 44.26 12.26 2.04
CA LEU B 80 43.28 13.26 2.44
C LEU B 80 43.11 13.29 3.96
N LEU B 81 43.09 12.11 4.56
CA LEU B 81 42.83 12.00 5.99
C LEU B 81 44.02 12.44 6.84
N THR B 82 45.22 12.41 6.24
CA THR B 82 46.45 12.65 6.97
C THR B 82 47.11 13.97 6.57
N ALA B 83 46.35 14.84 5.91
CA ALA B 83 46.90 16.09 5.38
C ALA B 83 47.32 17.06 6.49
N GLY B 84 46.77 16.90 7.67
CA GLY B 84 47.12 17.77 8.79
C GLY B 84 46.52 19.16 8.69
N PRO B 85 46.97 20.08 9.55
CA PRO B 85 48.03 19.90 10.56
C PRO B 85 47.63 18.99 11.72
N GLY B 86 46.34 18.91 12.00
CA GLY B 86 45.84 18.16 13.14
C GLY B 86 45.02 16.94 12.75
N GLN B 87 44.22 16.49 13.70
CA GLN B 87 43.38 15.32 13.52
C GLN B 87 42.24 15.60 12.54
N GLY B 88 42.14 14.75 11.53
CA GLY B 88 41.10 14.89 10.52
C GLY B 88 39.81 14.24 10.98
N PHE B 89 38.76 14.46 10.21
CA PHE B 89 37.45 13.88 10.50
C PHE B 89 36.85 13.37 9.19
N CYS B 90 36.67 12.07 9.09
CA CYS B 90 35.99 11.48 7.95
C CYS B 90 34.50 11.45 8.23
N VAL B 91 33.74 12.21 7.45
CA VAL B 91 32.30 12.26 7.58
C VAL B 91 31.67 11.48 6.41
N ASN B 92 31.27 10.25 6.69
CA ASN B 92 30.83 9.35 5.64
C ASN B 92 29.31 9.31 5.50
N LEU B 93 28.84 9.82 4.39
CA LEU B 93 27.42 9.93 4.10
C LEU B 93 27.14 9.43 2.71
N SER B 94 27.67 8.26 2.38
CA SER B 94 27.63 7.75 1.01
C SER B 94 26.72 6.52 0.90
N VAL B 95 26.54 6.06 -0.33
CA VAL B 95 26.06 4.71 -0.59
C VAL B 95 27.17 3.96 -1.32
N ASP B 96 27.03 2.63 -1.36
CA ASP B 96 27.90 1.76 -2.17
C ASP B 96 29.35 1.69 -1.69
N THR B 97 29.61 2.18 -0.48
CA THR B 97 30.94 2.16 0.11
C THR B 97 30.96 1.34 1.41
N SER B 98 32.11 0.73 1.71
CA SER B 98 32.22 -0.08 2.93
C SER B 98 32.49 0.77 4.16
N SER B 99 31.50 0.86 5.02
CA SER B 99 31.65 1.58 6.27
C SER B 99 32.77 1.00 7.12
N LEU B 100 32.83 -0.33 7.16
CA LEU B 100 33.84 -1.04 7.91
C LEU B 100 35.25 -0.70 7.44
N ASP B 101 35.51 -0.85 6.15
CA ASP B 101 36.85 -0.64 5.61
C ASP B 101 37.30 0.81 5.73
N ILE B 102 36.39 1.74 5.46
CA ILE B 102 36.73 3.16 5.52
C ILE B 102 36.97 3.55 6.97
N MET B 103 36.12 3.05 7.86
CA MET B 103 36.27 3.27 9.30
C MET B 103 37.64 2.80 9.79
N GLU B 104 37.99 1.57 9.44
CA GLU B 104 39.27 1.00 9.85
C GLU B 104 40.42 1.82 9.29
N LEU B 105 40.28 2.28 8.05
CA LEU B 105 41.31 3.11 7.42
C LEU B 105 41.50 4.40 8.19
N ALA B 106 40.40 5.05 8.53
CA ALA B 106 40.45 6.29 9.31
C ALA B 106 41.18 6.06 10.63
N ARG B 107 40.75 5.02 11.34
CA ARG B 107 41.34 4.69 12.63
C ARG B 107 42.84 4.41 12.52
N GLU B 108 43.24 3.70 11.47
CA GLU B 108 44.65 3.40 11.26
C GLU B 108 45.48 4.66 11.10
N ASN B 109 44.86 5.71 10.55
CA ASN B 109 45.57 6.94 10.25
C ASN B 109 45.25 8.05 11.24
N GLY B 110 44.61 7.69 12.35
CA GLY B 110 44.39 8.63 13.44
C GLY B 110 43.32 9.67 13.16
N ALA B 111 42.46 9.42 12.19
CA ALA B 111 41.37 10.33 11.87
C ALA B 111 40.07 9.88 12.51
N LEU B 112 39.28 10.83 12.97
CA LEU B 112 37.95 10.54 13.50
C LEU B 112 37.04 10.09 12.37
N TYR B 113 35.99 9.36 12.70
CA TYR B 113 35.09 8.84 11.68
C TYR B 113 33.65 8.83 12.19
N ILE B 114 32.72 9.13 11.29
CA ILE B 114 31.31 8.98 11.59
C ILE B 114 30.55 8.59 10.33
N ASP B 115 29.51 7.77 10.50
CA ASP B 115 28.62 7.44 9.41
C ASP B 115 27.21 7.21 9.95
N THR B 116 26.29 6.83 9.07
CA THR B 116 24.88 6.71 9.44
C THR B 116 24.32 5.35 9.09
N VAL B 117 25.18 4.43 8.68
CA VAL B 117 24.74 3.13 8.22
C VAL B 117 25.97 2.25 8.11
N VAL B 118 25.82 0.95 8.37
CA VAL B 118 26.87 0.00 8.05
C VAL B 118 26.67 -0.40 6.59
N GLU B 119 27.25 0.37 5.68
CA GLU B 119 27.09 0.13 4.25
C GLU B 119 28.20 -0.80 3.78
N PRO B 120 27.89 -1.69 2.82
CA PRO B 120 28.89 -2.55 2.20
C PRO B 120 29.38 -2.02 0.85
N TRP B 121 30.49 -2.55 0.34
CA TRP B 121 30.92 -2.23 -1.02
C TRP B 121 29.83 -2.64 -2.00
N LEU B 122 29.72 -1.89 -3.10
CA LEU B 122 28.81 -2.20 -4.18
C LEU B 122 28.85 -3.68 -4.57
N GLY B 123 27.66 -4.27 -4.71
CA GLY B 123 27.53 -5.65 -5.15
C GLY B 123 27.08 -6.61 -4.07
N PHE B 124 26.78 -6.08 -2.89
CA PHE B 124 26.43 -6.88 -1.73
C PHE B 124 24.92 -7.07 -1.58
N TYR B 125 24.20 -5.97 -1.56
CA TYR B 125 22.77 -5.97 -1.26
C TYR B 125 21.92 -6.87 -2.15
N PHE B 126 22.28 -6.97 -3.43
CA PHE B 126 21.47 -7.74 -4.39
C PHE B 126 22.29 -8.88 -4.98
N ASP B 127 23.28 -9.34 -4.23
CA ASP B 127 24.10 -10.48 -4.61
C ASP B 127 23.27 -11.76 -4.55
N PRO B 128 23.06 -12.43 -5.70
CA PRO B 128 22.24 -13.64 -5.67
C PRO B 128 22.93 -14.82 -5.01
N ASP B 129 24.24 -14.72 -4.82
CA ASP B 129 25.01 -15.81 -4.23
C ASP B 129 25.00 -15.78 -2.71
N LEU B 130 24.60 -14.64 -2.13
CA LEU B 130 24.55 -14.51 -0.67
C LEU B 130 23.28 -15.10 -0.09
N LYS B 131 23.43 -15.83 1.02
CA LYS B 131 22.27 -16.28 1.77
C LYS B 131 21.61 -15.07 2.44
N PRO B 132 20.30 -15.15 2.69
CA PRO B 132 19.60 -14.02 3.33
C PRO B 132 20.26 -13.58 4.63
N GLU B 133 20.72 -14.53 5.43
CA GLU B 133 21.38 -14.24 6.69
C GLU B 133 22.59 -13.35 6.50
N ALA B 134 23.36 -13.61 5.46
CA ALA B 134 24.57 -12.86 5.19
C ALA B 134 24.25 -11.44 4.72
N ARG B 135 23.03 -11.26 4.22
CA ARG B 135 22.60 -9.96 3.72
C ARG B 135 21.97 -9.11 4.83
N SER B 136 21.98 -9.60 6.05
CA SER B 136 21.30 -8.96 7.16
C SER B 136 22.12 -7.83 7.78
N ASN B 137 21.44 -6.84 8.35
CA ASN B 137 22.12 -5.78 9.09
C ASN B 137 22.78 -6.34 10.35
N TYR B 138 22.20 -7.42 10.87
CA TYR B 138 22.80 -8.12 12.01
C TYR B 138 24.21 -8.54 11.63
N ALA B 139 24.35 -9.17 10.46
CA ALA B 139 25.65 -9.65 10.01
C ALA B 139 26.63 -8.50 9.80
N LEU B 140 26.16 -7.43 9.15
CA LEU B 140 27.01 -6.28 8.88
C LEU B 140 27.49 -5.64 10.18
N ARG B 141 26.58 -5.55 11.15
CA ARG B 141 26.92 -4.95 12.45
C ARG B 141 27.95 -5.81 13.17
N GLU B 142 27.81 -7.12 13.08
CA GLU B 142 28.77 -8.03 13.71
C GLU B 142 30.19 -7.77 13.19
N THR B 143 30.33 -7.28 11.96
CA THR B 143 31.68 -7.01 11.46
C THR B 143 32.27 -5.81 12.20
N VAL B 144 31.42 -4.85 12.58
CA VAL B 144 31.88 -3.69 13.35
C VAL B 144 32.23 -4.10 14.77
N LEU B 145 31.40 -4.94 15.38
CA LEU B 145 31.66 -5.41 16.73
C LEU B 145 32.96 -6.21 16.79
N ALA B 146 33.23 -6.99 15.75
CA ALA B 146 34.44 -7.78 15.66
C ALA B 146 35.66 -6.87 15.55
N ALA B 147 35.51 -5.80 14.78
CA ALA B 147 36.57 -4.81 14.62
C ALA B 147 36.89 -4.17 15.97
N ARG B 148 35.86 -3.96 16.78
CA ARG B 148 36.05 -3.32 18.08
C ARG B 148 36.76 -4.27 19.05
N ARG B 149 36.40 -5.54 19.01
CA ARG B 149 37.06 -6.54 19.84
C ARG B 149 38.52 -6.70 19.43
N ASN B 150 38.79 -6.63 18.14
CA ASN B 150 40.14 -6.82 17.61
C ASN B 150 41.07 -5.64 17.92
N LYS B 151 40.50 -4.44 17.96
CA LYS B 151 41.27 -3.24 18.25
C LYS B 151 40.51 -2.36 19.23
N PRO B 152 40.46 -2.76 20.51
CA PRO B 152 39.74 -2.00 21.54
C PRO B 152 40.38 -0.64 21.82
N GLY B 153 39.58 0.31 22.25
CA GLY B 153 40.06 1.66 22.49
C GLY B 153 40.56 2.30 21.22
N GLY B 154 41.35 3.36 21.35
CA GLY B 154 41.91 4.03 20.19
C GLY B 154 41.03 5.14 19.67
N THR B 155 41.34 5.61 18.46
CA THR B 155 40.67 6.75 17.85
C THR B 155 39.18 6.49 17.72
N THR B 156 38.37 7.51 18.01
CA THR B 156 36.93 7.36 17.99
C THR B 156 36.39 7.18 16.58
N ALA B 157 35.53 6.19 16.44
CA ALA B 157 34.77 5.97 15.23
C ALA B 157 33.31 5.74 15.62
N VAL B 158 32.43 6.58 15.11
CA VAL B 158 31.02 6.52 15.48
C VAL B 158 30.24 5.85 14.37
N SER B 159 29.72 4.67 14.65
CA SER B 159 28.96 3.90 13.66
C SER B 159 27.47 4.16 13.78
N CYS B 160 26.84 4.45 12.64
CA CYS B 160 25.40 4.59 12.55
C CYS B 160 24.84 5.70 13.45
N CYS B 161 25.20 6.93 13.14
CA CYS B 161 24.78 8.08 13.94
C CYS B 161 24.04 9.10 13.08
N GLY B 162 22.91 8.67 12.53
CA GLY B 162 21.96 9.56 11.88
C GLY B 162 20.74 9.75 12.75
N ALA B 163 19.58 9.86 12.13
CA ALA B 163 18.33 9.98 12.88
C ALA B 163 17.89 8.63 13.45
N ASN B 164 17.93 7.62 12.59
CA ASN B 164 17.59 6.26 13.00
C ASN B 164 18.16 5.30 11.97
N PRO B 165 19.24 4.60 12.31
CA PRO B 165 19.92 4.56 13.62
C PRO B 165 20.56 5.88 14.01
N GLY B 166 20.74 6.10 15.30
CA GLY B 166 21.44 7.25 15.82
C GLY B 166 20.63 7.92 16.91
N MET B 167 20.00 9.03 16.56
CA MET B 167 19.20 9.82 17.50
C MET B 167 18.26 8.97 18.36
N VAL B 168 17.60 8.00 17.75
CA VAL B 168 16.60 7.24 18.49
C VAL B 168 17.19 6.46 19.67
N SER B 169 18.47 6.13 19.63
CA SER B 169 19.10 5.49 20.78
C SER B 169 19.05 6.44 21.98
N TRP B 170 19.35 7.71 21.72
CA TRP B 170 19.30 8.74 22.77
C TRP B 170 17.86 8.91 23.23
N PHE B 171 16.91 8.87 22.29
CA PHE B 171 15.49 8.95 22.64
C PHE B 171 15.08 7.82 23.58
N VAL B 172 15.63 6.62 23.36
CA VAL B 172 15.32 5.48 24.23
C VAL B 172 15.74 5.78 25.66
N LYS B 173 16.94 6.30 25.83
CA LYS B 173 17.45 6.61 27.16
C LYS B 173 16.59 7.67 27.85
N GLN B 174 16.28 8.76 27.15
CA GLN B 174 15.43 9.79 27.71
C GLN B 174 14.05 9.24 28.08
N ALA B 175 13.51 8.40 27.21
CA ALA B 175 12.20 7.80 27.42
C ALA B 175 12.21 6.92 28.66
N LEU B 176 13.25 6.12 28.82
CA LEU B 176 13.39 5.27 30.00
C LEU B 176 13.45 6.12 31.27
N VAL B 177 14.17 7.23 31.22
CA VAL B 177 14.25 8.13 32.36
C VAL B 177 12.88 8.73 32.67
N ASN B 178 12.16 9.18 31.64
CA ASN B 178 10.82 9.75 31.83
C ASN B 178 9.84 8.72 32.36
N LEU B 179 9.93 7.52 31.81
CA LEU B 179 9.03 6.44 32.19
C LEU B 179 9.24 6.05 33.65
N ALA B 180 10.50 6.02 34.06
CA ALA B 180 10.85 5.70 35.44
C ALA B 180 10.29 6.76 36.39
N ALA B 181 10.36 8.01 35.98
CA ALA B 181 9.84 9.10 36.79
C ALA B 181 8.32 8.98 36.92
N ASP B 182 7.65 8.71 35.80
CA ASP B 182 6.20 8.59 35.77
C ASP B 182 5.69 7.34 36.47
N LEU B 183 6.49 6.28 36.48
CA LEU B 183 6.09 5.03 37.08
C LEU B 183 6.53 4.95 38.55
N GLY B 184 7.23 5.97 39.02
CA GLY B 184 7.61 6.05 40.41
C GLY B 184 8.80 5.19 40.77
N VAL B 185 9.50 4.69 39.75
CA VAL B 185 10.72 3.94 39.99
C VAL B 185 11.81 4.91 40.41
N THR B 186 12.35 4.69 41.61
CA THR B 186 13.32 5.58 42.21
C THR B 186 14.72 5.00 42.08
N GLY B 187 15.72 5.88 41.97
CA GLY B 187 17.10 5.46 41.90
C GLY B 187 17.94 6.44 41.10
N GLU B 188 19.25 6.21 41.10
CA GLU B 188 20.15 7.02 40.30
C GLU B 188 19.96 6.70 38.82
N GLU B 189 20.08 7.71 37.98
CA GLU B 189 20.04 7.50 36.54
C GLU B 189 21.15 6.55 36.13
N PRO B 190 20.84 5.56 35.27
CA PRO B 190 21.88 4.63 34.83
C PRO B 190 23.07 5.35 34.19
N THR B 191 24.26 4.80 34.37
CA THR B 191 25.48 5.38 33.82
C THR B 191 26.34 4.34 33.11
N THR B 192 25.86 3.09 33.07
CA THR B 192 26.50 2.03 32.29
C THR B 192 25.46 1.24 31.51
N ARG B 193 25.91 0.49 30.51
CA ARG B 193 25.03 -0.36 29.72
C ARG B 193 24.26 -1.34 30.61
N GLU B 194 24.96 -1.93 31.58
CA GLU B 194 24.33 -2.88 32.48
C GLU B 194 23.17 -2.25 33.24
N GLU B 195 23.37 -1.01 33.69
CA GLU B 195 22.34 -0.30 34.44
C GLU B 195 21.14 0.09 33.57
N TRP B 196 21.42 0.52 32.34
CA TRP B 196 20.34 0.84 31.40
C TRP B 196 19.51 -0.39 31.12
N ALA B 197 20.18 -1.50 30.80
CA ALA B 197 19.50 -2.76 30.55
C ALA B 197 18.63 -3.14 31.74
N ARG B 198 19.20 -3.00 32.94
CA ARG B 198 18.48 -3.32 34.16
C ARG B 198 17.23 -2.45 34.32
N LEU B 199 17.35 -1.17 34.00
CA LEU B 199 16.24 -0.24 34.13
C LEU B 199 15.09 -0.61 33.22
N ALA B 200 15.40 -0.90 31.96
CA ALA B 200 14.40 -1.36 31.02
C ALA B 200 13.71 -2.61 31.54
N MET B 201 14.49 -3.53 32.09
CA MET B 201 13.93 -4.76 32.67
C MET B 201 13.01 -4.44 33.84
N ASP B 202 13.45 -3.54 34.71
CA ASP B 202 12.69 -3.18 35.92
C ASP B 202 11.40 -2.42 35.60
N LEU B 203 11.40 -1.65 34.52
CA LEU B 203 10.22 -0.89 34.11
C LEU B 203 9.22 -1.75 33.37
N GLY B 204 9.63 -2.95 32.97
CA GLY B 204 8.75 -3.87 32.29
C GLY B 204 8.57 -3.54 30.82
N VAL B 205 9.60 -2.98 30.20
CA VAL B 205 9.55 -2.67 28.77
C VAL B 205 9.69 -3.97 27.99
N LYS B 206 8.61 -4.40 27.37
CA LYS B 206 8.59 -5.63 26.59
C LYS B 206 9.25 -5.45 25.23
N GLY B 207 9.04 -4.29 24.63
CA GLY B 207 9.61 -4.01 23.33
C GLY B 207 9.53 -2.54 22.97
N ILE B 208 10.16 -2.20 21.86
CA ILE B 208 10.28 -0.83 21.38
C ILE B 208 10.07 -0.80 19.88
N HIS B 209 9.14 0.03 19.40
CA HIS B 209 9.07 0.34 17.98
C HIS B 209 9.84 1.63 17.70
N ILE B 210 10.64 1.63 16.64
CA ILE B 210 11.07 2.88 16.06
C ILE B 210 9.88 3.31 15.22
N ALA B 211 9.04 4.16 15.80
CA ALA B 211 7.73 4.46 15.26
C ALA B 211 7.75 5.79 14.52
N GLU B 212 7.65 5.73 13.20
CA GLU B 212 7.85 6.90 12.37
C GLU B 212 6.70 7.13 11.39
N ARG B 213 6.30 8.40 11.26
CA ARG B 213 5.30 8.81 10.28
C ARG B 213 5.77 10.08 9.59
N ASP B 214 6.08 9.95 8.31
CA ASP B 214 6.51 11.07 7.47
C ASP B 214 5.30 11.57 6.68
N THR B 215 4.90 12.82 6.89
CA THR B 215 3.72 13.35 6.21
C THR B 215 4.07 14.42 5.18
N GLN B 216 5.36 14.53 4.86
CA GLN B 216 5.77 15.49 3.86
C GLN B 216 5.17 15.14 2.51
N ARG B 217 4.82 16.17 1.75
CA ARG B 217 4.30 15.97 0.41
C ARG B 217 4.66 17.15 -0.47
N ALA B 218 4.73 16.93 -1.78
CA ALA B 218 5.22 17.94 -2.70
C ALA B 218 4.08 18.67 -3.39
N SER B 219 4.45 19.72 -4.14
CA SER B 219 3.49 20.49 -4.92
C SER B 219 2.96 19.71 -6.12
N PHE B 220 3.65 18.63 -6.48
CA PHE B 220 3.26 17.79 -7.61
C PHE B 220 2.96 16.37 -7.14
N PRO B 221 2.03 15.70 -7.82
CA PRO B 221 1.71 14.32 -7.44
C PRO B 221 2.79 13.35 -7.87
N LYS B 222 2.80 12.16 -7.29
CA LYS B 222 3.81 11.17 -7.60
C LYS B 222 3.76 10.84 -9.10
N PRO B 223 4.91 10.94 -9.79
CA PRO B 223 4.94 10.52 -11.20
C PRO B 223 4.95 9.00 -11.35
N PHE B 224 4.29 8.52 -12.39
CA PHE B 224 4.29 7.10 -12.71
C PHE B 224 5.70 6.64 -13.03
N ASP B 225 6.07 5.47 -12.54
CA ASP B 225 7.37 4.87 -12.82
C ASP B 225 8.52 5.73 -12.30
N VAL B 226 8.28 6.41 -11.20
CA VAL B 226 9.32 7.15 -10.48
C VAL B 226 9.19 6.86 -8.99
N PHE B 227 10.26 6.37 -8.38
CA PHE B 227 10.29 6.18 -6.94
C PHE B 227 10.57 7.52 -6.28
N VAL B 228 9.69 7.92 -5.37
CA VAL B 228 9.81 9.19 -4.65
C VAL B 228 10.04 8.92 -3.17
N ASN B 229 10.98 9.64 -2.58
CA ASN B 229 11.24 9.53 -1.15
C ASN B 229 11.74 10.87 -0.63
N THR B 230 11.88 11.00 0.68
CA THR B 230 12.35 12.24 1.29
C THR B 230 13.83 12.15 1.66
N TRP B 231 14.41 10.98 1.44
CA TRP B 231 15.83 10.74 1.60
C TRP B 231 16.21 9.66 0.59
N SER B 232 17.46 9.20 0.67
CA SER B 232 18.02 8.27 -0.33
C SER B 232 17.03 7.25 -0.85
N VAL B 233 16.80 7.26 -2.15
CA VAL B 233 15.98 6.23 -2.77
C VAL B 233 16.81 4.95 -2.87
N GLU B 234 18.05 5.08 -3.34
CA GLU B 234 18.93 3.93 -3.44
C GLU B 234 19.11 3.28 -2.07
N GLY B 235 19.34 4.11 -1.06
CA GLY B 235 19.51 3.62 0.30
C GLY B 235 18.27 2.95 0.86
N PHE B 236 17.12 3.57 0.65
CA PHE B 236 15.88 3.04 1.18
C PHE B 236 15.50 1.72 0.52
N VAL B 237 15.68 1.65 -0.80
CA VAL B 237 15.34 0.45 -1.54
C VAL B 237 16.27 -0.69 -1.12
N SER B 238 17.54 -0.36 -0.91
CA SER B 238 18.52 -1.34 -0.48
C SER B 238 18.10 -2.01 0.82
N GLU B 239 17.80 -1.22 1.85
CA GLU B 239 17.39 -1.80 3.12
C GLU B 239 15.99 -2.37 2.99
N GLY B 240 15.20 -1.83 2.07
CA GLY B 240 13.85 -2.32 1.87
C GLY B 240 13.83 -3.75 1.35
N LEU B 241 14.87 -4.11 0.62
CA LEU B 241 14.94 -5.44 -0.01
C LEU B 241 15.81 -6.41 0.80
N GLN B 242 16.47 -5.90 1.83
CA GLN B 242 17.08 -6.78 2.82
C GLN B 242 15.97 -7.51 3.56
N PRO B 243 16.29 -8.64 4.17
CA PRO B 243 15.28 -9.35 4.99
C PRO B 243 14.73 -8.46 6.08
N ALA B 244 13.46 -8.62 6.42
CA ALA B 244 12.90 -7.99 7.59
C ALA B 244 13.70 -8.45 8.80
N GLU B 245 14.02 -7.54 9.71
CA GLU B 245 14.84 -7.84 10.87
C GLU B 245 14.35 -7.14 12.12
N LEU B 246 14.59 -7.76 13.25
CA LEU B 246 14.18 -7.18 14.52
C LEU B 246 15.01 -7.72 15.67
N GLY B 247 15.29 -6.86 16.63
CA GLY B 247 15.77 -7.31 17.93
C GLY B 247 14.63 -8.11 18.53
N TRP B 248 14.95 -9.27 19.08
CA TRP B 248 13.94 -10.23 19.50
C TRP B 248 13.83 -10.32 21.01
N GLY B 249 12.68 -9.90 21.52
CA GLY B 249 12.47 -9.79 22.95
C GLY B 249 12.29 -11.14 23.63
N THR B 250 12.73 -11.21 24.88
CA THR B 250 12.57 -12.42 25.67
C THR B 250 11.10 -12.70 25.99
N PHE B 251 10.25 -11.69 25.89
CA PHE B 251 8.83 -11.84 26.21
C PHE B 251 8.03 -12.47 25.07
N GLU B 252 8.59 -12.48 23.86
CA GLU B 252 7.89 -13.04 22.70
C GLU B 252 7.65 -14.54 22.88
N ARG B 253 6.45 -14.98 22.50
CA ARG B 253 6.05 -16.37 22.65
C ARG B 253 5.86 -17.08 21.31
N TRP B 254 6.05 -16.34 20.22
CA TRP B 254 5.74 -16.84 18.88
C TRP B 254 6.59 -16.12 17.84
N MET B 255 7.03 -16.86 16.84
CA MET B 255 7.64 -16.25 15.67
C MET B 255 7.09 -16.95 14.43
N PRO B 256 7.05 -16.23 13.30
CA PRO B 256 6.51 -16.82 12.07
C PRO B 256 7.38 -17.96 11.55
N ASP B 257 6.81 -18.79 10.69
CA ASP B 257 7.49 -19.95 10.13
C ASP B 257 8.79 -19.58 9.41
N ASN B 258 8.79 -18.43 8.74
CA ASN B 258 9.95 -18.04 7.94
C ASN B 258 10.90 -17.13 8.72
N ALA B 259 10.77 -17.14 10.04
CA ALA B 259 11.73 -16.46 10.90
C ALA B 259 12.97 -17.34 11.09
N ARG B 260 14.11 -16.70 11.24
CA ARG B 260 15.38 -17.39 11.41
C ARG B 260 16.25 -16.62 12.39
N GLY B 261 17.11 -17.34 13.10
CA GLY B 261 18.04 -16.75 14.06
C GLY B 261 19.45 -16.78 13.53
N HIS B 262 20.41 -16.48 14.38
CA HIS B 262 21.82 -16.44 14.00
C HIS B 262 22.62 -17.41 14.87
N ASP B 263 23.57 -18.11 14.26
CA ASP B 263 24.37 -19.10 14.96
C ASP B 263 25.46 -18.45 15.80
N SER B 264 25.83 -17.23 15.46
CA SER B 264 26.87 -16.51 16.18
C SER B 264 26.51 -15.03 16.35
N GLY B 265 27.38 -14.28 17.00
CA GLY B 265 27.16 -12.86 17.22
C GLY B 265 26.50 -12.56 18.55
N CYS B 266 26.01 -11.33 18.69
CA CYS B 266 25.49 -10.86 19.97
C CYS B 266 24.21 -11.60 20.39
N GLY B 267 23.54 -12.21 19.41
CA GLY B 267 22.39 -13.05 19.67
C GLY B 267 21.08 -12.30 19.88
N ALA B 268 21.05 -11.02 19.52
CA ALA B 268 19.92 -10.17 19.86
C ALA B 268 18.80 -10.18 18.82
N GLY B 269 19.08 -10.68 17.62
CA GLY B 269 18.17 -10.52 16.50
C GLY B 269 17.68 -11.77 15.80
N ILE B 270 16.53 -11.63 15.15
CA ILE B 270 16.07 -12.60 14.17
C ILE B 270 15.83 -11.86 12.86
N TYR B 271 15.63 -12.62 11.79
CA TYR B 271 15.27 -12.04 10.50
C TYR B 271 14.20 -12.90 9.86
N LEU B 272 13.44 -12.30 8.93
CA LEU B 272 12.42 -13.04 8.21
C LEU B 272 12.84 -13.21 6.75
N LEU B 273 12.46 -14.33 6.14
CA LEU B 273 12.83 -14.61 4.77
C LEU B 273 11.87 -13.91 3.81
N GLN B 274 11.82 -12.59 3.93
CA GLN B 274 10.98 -11.75 3.07
C GLN B 274 11.50 -10.32 3.15
N PRO B 275 11.28 -9.52 2.10
CA PRO B 275 11.79 -8.14 2.14
C PRO B 275 11.08 -7.27 3.16
N GLY B 276 11.84 -6.47 3.90
CA GLY B 276 11.25 -5.68 4.97
C GLY B 276 10.27 -4.62 4.51
N ALA B 277 10.53 -4.00 3.37
CA ALA B 277 9.66 -2.94 2.88
C ALA B 277 8.35 -3.48 2.29
N ASN B 278 8.20 -4.80 2.23
CA ASN B 278 6.93 -5.43 1.87
C ASN B 278 6.40 -6.25 3.04
N THR B 279 6.82 -5.89 4.23
CA THR B 279 6.35 -6.50 5.47
C THR B 279 5.73 -5.41 6.32
N ARG B 280 4.47 -5.60 6.70
CA ARG B 280 3.75 -4.59 7.47
C ARG B 280 3.62 -4.99 8.93
N VAL B 281 3.68 -3.99 9.80
CA VAL B 281 3.47 -4.17 11.22
C VAL B 281 2.48 -3.12 11.72
N ARG B 282 1.71 -3.49 12.75
CA ARG B 282 0.75 -2.60 13.35
C ARG B 282 1.44 -1.78 14.42
N SER B 283 1.40 -0.47 14.27
CA SER B 283 2.09 0.42 15.20
C SER B 283 1.28 1.70 15.42
N TRP B 284 1.94 2.72 15.96
CA TRP B 284 1.23 3.89 16.45
C TRP B 284 2.18 5.05 16.64
N THR B 285 1.78 6.24 16.19
CA THR B 285 2.50 7.47 16.53
C THR B 285 1.47 8.52 16.91
N PRO B 286 1.91 9.60 17.58
CA PRO B 286 0.94 10.59 18.07
C PRO B 286 0.10 11.23 16.97
N THR B 287 0.69 11.54 15.82
CA THR B 287 -0.02 12.21 14.74
C THR B 287 -0.78 11.21 13.86
N ALA B 288 -0.20 10.03 13.67
CA ALA B 288 -0.83 9.02 12.84
C ALA B 288 -1.89 8.24 13.61
N MET B 289 -1.74 8.18 14.93
N MET B 289 -1.72 8.17 14.92
CA MET B 289 -2.46 7.21 15.74
CA MET B 289 -2.42 7.21 15.76
C MET B 289 -2.14 5.83 15.18
C MET B 289 -2.14 5.83 15.16
N ALA B 290 -3.09 4.89 15.20
CA ALA B 290 -2.85 3.55 14.68
C ALA B 290 -2.52 3.58 13.18
N GLN B 291 -1.40 2.97 12.79
CA GLN B 291 -0.99 2.93 11.40
C GLN B 291 -0.22 1.65 11.07
N TYR B 292 -0.15 1.31 9.80
CA TYR B 292 0.84 0.35 9.33
C TYR B 292 2.21 1.00 9.25
N GLY B 293 3.22 0.29 9.73
CA GLY B 293 4.59 0.61 9.44
C GLY B 293 5.18 -0.52 8.60
N PHE B 294 6.28 -0.25 7.91
CA PHE B 294 7.00 -1.31 7.23
C PHE B 294 8.16 -1.78 8.11
N LEU B 295 8.36 -3.09 8.17
CA LEU B 295 9.34 -3.68 9.07
C LEU B 295 10.69 -3.73 8.35
N VAL B 296 11.19 -2.56 8.01
CA VAL B 296 12.45 -2.44 7.28
C VAL B 296 13.60 -2.65 8.26
N THR B 297 14.59 -3.42 7.86
CA THR B 297 15.71 -3.69 8.76
C THR B 297 16.50 -2.42 9.00
N HIS B 298 16.96 -2.27 10.24
CA HIS B 298 17.73 -1.10 10.65
C HIS B 298 18.74 -1.52 11.71
N ASN B 299 19.91 -0.88 11.71
CA ASN B 299 20.94 -1.20 12.68
C ASN B 299 20.45 -1.10 14.12
N GLU B 300 19.64 -0.08 14.40
CA GLU B 300 19.21 0.17 15.78
C GLU B 300 18.30 -0.93 16.29
N SER B 301 17.63 -1.62 15.38
CA SER B 301 16.74 -2.72 15.77
C SER B 301 17.53 -3.76 16.54
N ILE B 302 18.76 -4.00 16.10
CA ILE B 302 19.66 -4.92 16.78
C ILE B 302 20.42 -4.23 17.91
N SER B 303 20.94 -3.03 17.67
CA SER B 303 21.84 -2.40 18.63
C SER B 303 21.14 -2.02 19.93
N ILE B 304 19.90 -1.54 19.84
CA ILE B 304 19.14 -1.17 21.03
C ILE B 304 18.78 -2.42 21.84
N ALA B 305 18.32 -3.45 21.16
CA ALA B 305 17.98 -4.70 21.83
C ALA B 305 19.22 -5.32 22.49
N ASP B 306 20.35 -5.27 21.80
CA ASP B 306 21.60 -5.79 22.33
C ASP B 306 22.04 -4.98 23.55
N PHE B 307 21.95 -3.66 23.44
CA PHE B 307 22.35 -2.75 24.51
C PHE B 307 21.54 -3.00 25.78
N LEU B 308 20.25 -3.26 25.61
CA LEU B 308 19.34 -3.41 26.74
C LEU B 308 19.17 -4.87 27.14
N THR B 309 20.16 -5.69 26.82
CA THR B 309 20.11 -7.10 27.19
C THR B 309 20.71 -7.31 28.59
N VAL B 310 19.98 -8.05 29.42
CA VAL B 310 20.46 -8.48 30.72
C VAL B 310 20.86 -9.95 30.64
N ARG B 311 22.08 -10.25 31.06
CA ARG B 311 22.59 -11.60 31.03
C ARG B 311 22.85 -12.10 32.46
N ASP B 312 22.65 -13.39 32.70
CA ASP B 312 23.00 -13.99 33.98
C ASP B 312 24.49 -14.32 34.00
N ALA B 313 24.94 -14.95 35.08
CA ALA B 313 26.36 -15.26 35.24
C ALA B 313 26.85 -16.23 34.15
N ALA B 314 25.94 -17.05 33.67
CA ALA B 314 26.28 -18.06 32.67
C ALA B 314 26.41 -17.46 31.26
N GLY B 315 25.90 -16.24 31.08
CA GLY B 315 25.98 -15.56 29.80
C GLY B 315 24.70 -15.62 29.00
N GLN B 316 23.67 -16.29 29.54
CA GLN B 316 22.38 -16.35 28.88
C GLN B 316 21.63 -15.05 29.09
N ALA B 317 20.93 -14.60 28.05
CA ALA B 317 20.09 -13.42 28.15
C ALA B 317 18.82 -13.75 28.93
N VAL B 318 18.58 -13.03 30.02
CA VAL B 318 17.39 -13.25 30.84
C VAL B 318 16.34 -12.18 30.56
N TYR B 319 16.78 -11.05 30.04
CA TYR B 319 15.87 -10.02 29.54
C TYR B 319 16.44 -9.33 28.32
N ARG B 320 15.56 -9.01 27.38
CA ARG B 320 15.92 -8.30 26.18
C ARG B 320 14.62 -7.78 25.58
N PRO B 321 14.58 -6.50 25.16
CA PRO B 321 13.34 -6.01 24.55
C PRO B 321 13.28 -6.34 23.07
N THR B 322 12.09 -6.58 22.54
CA THR B 322 11.92 -6.61 21.09
C THR B 322 12.20 -5.19 20.59
N CYS B 323 12.81 -5.08 19.42
CA CYS B 323 13.03 -3.76 18.86
C CYS B 323 13.06 -3.80 17.34
N HIS B 324 12.22 -2.99 16.71
CA HIS B 324 12.28 -2.90 15.26
C HIS B 324 11.63 -1.65 14.71
N TYR B 325 11.92 -1.42 13.43
CA TYR B 325 11.39 -0.29 12.70
C TYR B 325 9.92 -0.52 12.43
N ALA B 326 9.13 0.53 12.54
CA ALA B 326 7.73 0.53 12.10
C ALA B 326 7.52 1.80 11.30
N TYR B 327 7.95 1.76 10.04
CA TYR B 327 8.13 2.95 9.22
C TYR B 327 6.94 3.21 8.32
N HIS B 328 6.31 4.35 8.49
CA HIS B 328 5.32 4.85 7.53
C HIS B 328 5.99 6.03 6.84
N PRO B 329 6.56 5.81 5.65
CA PRO B 329 7.20 6.91 4.95
C PRO B 329 6.16 7.88 4.37
N CYS B 330 6.61 8.88 3.63
CA CYS B 330 5.68 9.83 3.03
C CYS B 330 4.78 9.09 2.06
N ASN B 331 3.62 9.68 1.80
CA ASN B 331 2.60 9.03 0.98
C ASN B 331 3.15 8.65 -0.39
N ASP B 332 3.99 9.50 -0.97
CA ASP B 332 4.53 9.20 -2.29
C ASP B 332 5.47 7.98 -2.24
N ALA B 333 6.13 7.79 -1.11
CA ALA B 333 6.99 6.64 -0.89
C ALA B 333 6.17 5.37 -0.68
N VAL B 334 5.04 5.50 0.02
CA VAL B 334 4.14 4.36 0.18
C VAL B 334 3.65 3.91 -1.19
N LEU B 335 3.28 4.86 -2.03
CA LEU B 335 2.84 4.54 -3.39
C LEU B 335 4.00 3.95 -4.19
N SER B 336 5.21 4.45 -3.94
CA SER B 336 6.38 3.97 -4.66
C SER B 336 6.67 2.51 -4.35
N LEU B 337 6.47 2.13 -3.09
CA LEU B 337 6.70 0.75 -2.68
C LEU B 337 5.68 -0.17 -3.32
N HIS B 338 4.42 0.28 -3.34
CA HIS B 338 3.33 -0.47 -3.95
C HIS B 338 3.63 -0.70 -5.43
N GLU B 339 4.16 0.34 -6.07
CA GLU B 339 4.50 0.29 -7.47
C GLU B 339 5.67 -0.66 -7.72
N MET B 340 6.71 -0.53 -6.91
CA MET B 340 7.92 -1.33 -7.10
C MET B 340 7.64 -2.81 -6.88
N PHE B 341 7.06 -3.14 -5.74
CA PHE B 341 6.82 -4.53 -5.43
C PHE B 341 5.77 -5.10 -6.36
N GLY B 342 4.81 -4.26 -6.76
CA GLY B 342 3.78 -4.67 -7.68
C GLY B 342 4.30 -5.02 -9.06
N SER B 343 5.32 -4.31 -9.51
CA SER B 343 5.91 -4.59 -10.82
C SER B 343 7.06 -5.58 -10.72
N GLY B 344 7.57 -5.80 -9.51
CA GLY B 344 8.66 -6.73 -9.29
C GLY B 344 10.01 -6.18 -9.73
N LYS B 345 10.10 -4.87 -9.88
CA LYS B 345 11.36 -4.25 -10.28
C LYS B 345 11.38 -2.77 -9.94
N ARG B 346 12.58 -2.22 -9.77
CA ARG B 346 12.73 -0.81 -9.47
C ARG B 346 12.22 0.04 -10.63
N GLN B 347 11.64 1.18 -10.29
CA GLN B 347 11.20 2.16 -11.27
C GLN B 347 12.35 2.64 -12.15
N SER B 348 12.01 3.14 -13.33
CA SER B 348 13.02 3.61 -14.27
C SER B 348 13.80 4.79 -13.73
N ASP B 349 13.16 5.57 -12.88
CA ASP B 349 13.75 6.80 -12.36
C ASP B 349 13.39 6.98 -10.89
N TRP B 350 14.02 7.97 -10.25
CA TRP B 350 13.70 8.30 -8.86
C TRP B 350 14.03 9.74 -8.55
N ARG B 351 13.44 10.26 -7.48
CA ARG B 351 13.74 11.61 -7.03
C ARG B 351 13.52 11.72 -5.53
N ILE B 352 14.34 12.57 -4.92
CA ILE B 352 14.22 12.91 -3.52
C ILE B 352 13.55 14.28 -3.41
N LEU B 353 12.43 14.34 -2.70
CA LEU B 353 11.75 15.61 -2.48
C LEU B 353 12.64 16.53 -1.67
N ASP B 354 12.83 17.76 -2.15
CA ASP B 354 13.64 18.70 -1.40
C ASP B 354 12.81 19.89 -0.89
N GLU B 355 13.49 20.74 -0.14
CA GLU B 355 12.91 21.91 0.51
C GLU B 355 12.26 22.92 -0.42
N THR B 356 12.49 22.80 -1.72
CA THR B 356 11.89 23.71 -2.68
C THR B 356 10.57 23.16 -3.22
N GLU B 357 10.34 21.87 -2.98
CA GLU B 357 9.20 21.16 -3.57
C GLU B 357 8.12 20.80 -2.56
N ILE B 358 8.50 20.67 -1.30
CA ILE B 358 7.59 20.20 -0.26
C ILE B 358 6.70 21.32 0.25
N VAL B 359 5.40 21.08 0.25
CA VAL B 359 4.40 22.08 0.62
C VAL B 359 4.15 22.13 2.13
N ASP B 360 3.96 20.96 2.72
CA ASP B 360 3.76 20.86 4.17
C ASP B 360 4.18 19.48 4.65
N GLY B 361 4.03 19.24 5.94
CA GLY B 361 4.30 17.95 6.53
C GLY B 361 5.39 17.94 7.58
N ILE B 362 5.46 16.82 8.31
CA ILE B 362 6.42 16.63 9.37
C ILE B 362 7.11 15.28 9.18
N ASP B 363 8.26 15.10 9.82
CA ASP B 363 8.80 13.77 9.98
C ASP B 363 8.70 13.42 11.45
N GLU B 364 7.61 12.77 11.80
CA GLU B 364 7.35 12.37 13.17
C GLU B 364 8.14 11.10 13.45
N LEU B 365 9.22 11.24 14.21
CA LEU B 365 10.15 10.16 14.43
C LEU B 365 10.45 10.03 15.92
N GLY B 366 10.10 8.88 16.47
CA GLY B 366 10.32 8.63 17.87
C GLY B 366 10.39 7.17 18.20
N VAL B 367 10.47 6.87 19.49
CA VAL B 367 10.49 5.51 19.98
C VAL B 367 9.26 5.22 20.81
N LEU B 368 8.65 4.08 20.54
CA LEU B 368 7.44 3.66 21.22
C LEU B 368 7.79 2.52 22.16
N LEU B 369 7.90 2.82 23.44
CA LEU B 369 8.20 1.83 24.47
C LEU B 369 6.90 1.25 25.01
N TYR B 370 6.74 -0.06 24.93
CA TYR B 370 5.48 -0.70 25.31
C TYR B 370 5.67 -1.88 26.26
N GLY B 371 4.58 -2.27 26.91
CA GLY B 371 4.58 -3.43 27.78
C GLY B 371 4.58 -3.07 29.26
N HIS B 372 4.88 -1.81 29.55
CA HIS B 372 5.02 -1.34 30.92
C HIS B 372 3.66 -0.99 31.53
N GLY B 373 3.69 -0.44 32.75
CA GLY B 373 2.47 -0.17 33.51
C GLY B 373 1.54 0.86 32.90
N LYS B 374 2.06 1.68 32.00
CA LYS B 374 1.26 2.70 31.32
C LYS B 374 1.04 2.36 29.85
N ASN B 375 1.21 1.08 29.53
CA ASN B 375 0.96 0.48 28.23
C ASN B 375 1.98 0.87 27.17
N ALA B 376 1.91 2.10 26.69
CA ALA B 376 2.81 2.53 25.64
C ALA B 376 3.11 4.01 25.75
N TYR B 377 4.36 4.35 25.46
CA TYR B 377 4.89 5.70 25.57
C TYR B 377 5.70 5.99 24.32
N TRP B 378 5.31 7.03 23.58
CA TRP B 378 6.04 7.48 22.40
C TRP B 378 6.84 8.74 22.74
N TYR B 379 8.15 8.72 22.45
CA TYR B 379 9.00 9.88 22.68
C TYR B 379 9.81 10.20 21.44
N GLY B 380 9.71 11.44 20.98
CA GLY B 380 10.47 11.86 19.82
C GLY B 380 10.11 13.20 19.22
N SER B 381 10.58 13.38 17.99
CA SER B 381 10.52 14.65 17.28
C SER B 381 9.32 14.73 16.34
N GLN B 382 8.74 15.92 16.26
CA GLN B 382 7.67 16.22 15.32
C GLN B 382 8.08 17.34 14.37
N LEU B 383 9.36 17.37 14.04
CA LEU B 383 9.90 18.42 13.17
C LEU B 383 9.13 18.60 11.86
N SER B 384 8.72 19.83 11.59
CA SER B 384 7.98 20.17 10.39
C SER B 384 8.89 20.75 9.34
N ILE B 385 8.44 20.74 8.09
CA ILE B 385 9.20 21.34 7.02
C ILE B 385 9.27 22.86 7.20
N GLU B 386 8.21 23.45 7.74
CA GLU B 386 8.20 24.89 7.98
C GLU B 386 9.28 25.28 8.98
N GLU B 387 9.35 24.54 10.09
CA GLU B 387 10.38 24.79 11.10
C GLU B 387 11.76 24.56 10.50
N THR B 388 11.91 23.50 9.70
CA THR B 388 13.18 23.18 9.09
C THR B 388 13.72 24.35 8.27
N ARG B 389 12.88 24.90 7.41
CA ARG B 389 13.30 25.99 6.54
C ARG B 389 13.71 27.21 7.34
N ARG B 390 13.13 27.36 8.53
CA ARG B 390 13.43 28.51 9.38
C ARG B 390 14.86 28.44 9.93
N ILE B 391 15.37 27.23 10.17
CA ILE B 391 16.57 27.06 10.98
C ILE B 391 17.76 26.39 10.27
N ALA B 392 17.53 25.83 9.09
CA ALA B 392 18.58 25.12 8.38
C ALA B 392 18.33 25.13 6.86
N PRO B 393 19.38 25.37 6.07
CA PRO B 393 19.23 25.41 4.62
C PRO B 393 19.43 24.06 3.94
N ASP B 394 18.94 23.95 2.70
CA ASP B 394 19.32 22.85 1.80
C ASP B 394 18.89 21.46 2.26
N GLN B 395 17.76 21.37 2.96
CA GLN B 395 17.26 20.07 3.39
C GLN B 395 15.82 20.11 3.86
N ASN B 396 15.16 18.97 3.79
CA ASN B 396 13.81 18.83 4.31
C ASN B 396 13.87 18.35 5.76
N ALA B 397 12.72 18.08 6.35
CA ALA B 397 12.66 17.70 7.76
C ALA B 397 13.35 16.36 8.02
N THR B 398 13.21 15.44 7.08
CA THR B 398 13.87 14.15 7.19
C THR B 398 15.38 14.34 7.27
N GLY B 399 15.91 15.12 6.33
CA GLY B 399 17.33 15.40 6.27
C GLY B 399 17.87 16.10 7.51
N LEU B 400 17.11 17.04 8.06
CA LEU B 400 17.60 17.79 9.22
C LEU B 400 17.72 16.93 10.47
N GLN B 401 16.81 15.98 10.64
CA GLN B 401 16.91 15.09 11.80
C GLN B 401 18.20 14.29 11.71
N VAL B 402 18.58 13.95 10.48
CA VAL B 402 19.79 13.17 10.24
C VAL B 402 21.05 14.02 10.38
N SER B 403 21.08 15.14 9.68
CA SER B 403 22.26 15.99 9.66
C SER B 403 22.58 16.52 11.05
N SER B 404 21.56 16.84 11.83
CA SER B 404 21.78 17.35 13.17
C SER B 404 22.29 16.24 14.09
N ALA B 405 21.93 15.00 13.79
CA ALA B 405 22.43 13.86 14.56
C ALA B 405 23.92 13.65 14.27
N VAL B 406 24.28 13.83 13.00
CA VAL B 406 25.68 13.72 12.60
C VAL B 406 26.47 14.83 13.31
N LEU B 407 25.90 16.03 13.35
CA LEU B 407 26.50 17.15 14.06
C LEU B 407 26.76 16.79 15.51
N ALA B 408 25.75 16.26 16.18
CA ALA B 408 25.87 15.89 17.58
C ALA B 408 26.95 14.82 17.75
N GLY B 409 26.95 13.84 16.86
CA GLY B 409 27.94 12.78 16.91
C GLY B 409 29.34 13.33 16.71
N MET B 410 29.46 14.32 15.84
CA MET B 410 30.75 14.96 15.57
C MET B 410 31.24 15.74 16.79
N VAL B 411 30.33 16.49 17.42
CA VAL B 411 30.69 17.20 18.64
C VAL B 411 31.16 16.19 19.68
N TRP B 412 30.39 15.12 19.87
CA TRP B 412 30.75 14.12 20.86
C TRP B 412 32.12 13.52 20.57
N ALA B 413 32.37 13.17 19.30
CA ALA B 413 33.63 12.55 18.93
C ALA B 413 34.81 13.48 19.23
N LEU B 414 34.64 14.76 18.92
CA LEU B 414 35.70 15.73 19.17
C LEU B 414 35.96 15.86 20.67
N GLU B 415 34.91 15.71 21.47
CA GLU B 415 35.02 15.82 22.92
C GLU B 415 35.48 14.51 23.55
N ASN B 416 35.39 13.43 22.79
CA ASN B 416 35.78 12.10 23.24
C ASN B 416 36.49 11.34 22.13
N PRO B 417 37.69 11.81 21.75
CA PRO B 417 38.34 11.36 20.52
C PRO B 417 39.12 10.05 20.66
N ASN B 418 39.17 9.51 21.87
CA ASN B 418 39.94 8.30 22.17
C ASN B 418 39.04 7.21 22.75
N ALA B 419 37.84 7.09 22.21
CA ALA B 419 36.83 6.20 22.78
C ALA B 419 36.64 4.91 21.98
N GLY B 420 37.40 4.78 20.88
CA GLY B 420 37.31 3.61 20.03
C GLY B 420 36.03 3.57 19.22
N ILE B 421 35.75 2.40 18.65
CA ILE B 421 34.54 2.20 17.85
C ILE B 421 33.32 2.25 18.76
N VAL B 422 32.38 3.14 18.44
CA VAL B 422 31.20 3.31 19.28
C VAL B 422 29.92 3.40 18.46
N GLU B 423 28.84 2.89 19.03
CA GLU B 423 27.50 3.04 18.46
C GLU B 423 26.78 4.18 19.16
N ALA B 424 25.68 4.63 18.59
CA ALA B 424 24.88 5.70 19.17
C ALA B 424 24.51 5.40 20.61
N ASP B 425 24.36 4.12 20.92
CA ASP B 425 24.00 3.69 22.26
C ASP B 425 25.11 3.94 23.26
N ASP B 426 26.34 4.08 22.79
CA ASP B 426 27.50 4.26 23.65
C ASP B 426 27.76 5.74 23.98
N LEU B 427 27.12 6.65 23.26
CA LEU B 427 27.34 8.08 23.43
C LEU B 427 26.61 8.66 24.65
N ASP B 428 27.10 9.79 25.13
CA ASP B 428 26.41 10.56 26.17
C ASP B 428 25.15 11.12 25.56
N PHE B 429 24.01 10.51 25.86
CA PHE B 429 22.78 10.84 25.19
C PHE B 429 22.31 12.26 25.50
N ARG B 430 22.57 12.72 26.72
CA ARG B 430 22.16 14.06 27.10
C ARG B 430 22.97 15.11 26.35
N ARG B 431 24.28 14.89 26.24
CA ARG B 431 25.12 15.83 25.52
C ARG B 431 24.73 15.87 24.05
N CYS B 432 24.48 14.69 23.49
CA CYS B 432 24.13 14.60 22.08
C CYS B 432 22.80 15.30 21.81
N LEU B 433 21.80 15.03 22.64
CA LEU B 433 20.51 15.70 22.46
C LEU B 433 20.60 17.20 22.75
N GLU B 434 21.52 17.60 23.63
CA GLU B 434 21.71 19.02 23.91
C GLU B 434 22.11 19.75 22.62
N VAL B 435 22.95 19.10 21.84
CA VAL B 435 23.44 19.68 20.60
C VAL B 435 22.38 19.61 19.50
N GLN B 436 21.62 18.52 19.48
CA GLN B 436 20.70 18.26 18.38
C GLN B 436 19.37 18.97 18.52
N THR B 437 18.92 19.17 19.76
CA THR B 437 17.56 19.60 20.05
C THR B 437 17.13 20.89 19.34
N PRO B 438 18.05 21.85 19.16
CA PRO B 438 17.64 23.05 18.43
C PRO B 438 17.09 22.76 17.02
N TYR B 439 17.39 21.59 16.48
CA TYR B 439 16.99 21.22 15.13
C TYR B 439 15.87 20.19 15.03
N LEU B 440 15.23 19.88 16.15
CA LEU B 440 14.26 18.80 16.20
C LEU B 440 12.80 19.23 16.34
N GLY B 441 12.55 20.54 16.39
CA GLY B 441 11.19 21.01 16.55
C GLY B 441 10.62 20.49 17.86
N PRO B 442 9.30 20.26 17.92
CA PRO B 442 8.74 19.73 19.16
C PRO B 442 9.30 18.37 19.49
N VAL B 443 9.82 18.21 20.71
CA VAL B 443 10.24 16.91 21.22
C VAL B 443 9.31 16.59 22.39
N VAL B 444 8.48 15.57 22.21
CA VAL B 444 7.39 15.30 23.13
C VAL B 444 7.32 13.82 23.52
N GLY B 445 6.77 13.58 24.71
CA GLY B 445 6.46 12.24 25.17
C GLY B 445 4.95 12.13 25.30
N VAL B 446 4.39 11.06 24.73
CA VAL B 446 2.94 10.88 24.66
C VAL B 446 2.56 9.43 24.97
N TYR B 447 1.68 9.26 25.96
CA TYR B 447 1.16 7.94 26.30
C TYR B 447 -0.07 7.63 25.47
N THR B 448 -0.34 6.34 25.29
CA THR B 448 -1.56 5.90 24.61
C THR B 448 -2.03 4.59 25.22
N ASP B 449 -3.34 4.36 25.15
CA ASP B 449 -3.90 3.09 25.55
C ASP B 449 -4.11 2.16 24.35
N TRP B 450 -3.71 2.61 23.16
CA TRP B 450 -3.82 1.77 21.98
C TRP B 450 -2.92 0.54 22.13
N THR B 451 -3.38 -0.61 21.63
CA THR B 451 -2.55 -1.79 21.52
C THR B 451 -2.82 -2.47 20.18
N PRO B 452 -1.92 -3.36 19.75
CA PRO B 452 -2.11 -4.09 18.50
C PRO B 452 -3.37 -4.98 18.47
N LEU B 453 -4.02 -5.18 19.62
CA LEU B 453 -5.26 -5.95 19.68
C LEU B 453 -6.52 -5.10 19.53
N ALA B 454 -6.36 -3.79 19.52
CA ALA B 454 -7.49 -2.86 19.49
C ALA B 454 -8.42 -3.16 18.31
N GLY B 455 -9.67 -3.47 18.64
CA GLY B 455 -10.68 -3.73 17.64
C GLY B 455 -10.63 -5.11 17.02
N ARG B 456 -9.86 -6.01 17.63
CA ARG B 456 -9.64 -7.34 17.06
C ARG B 456 -10.10 -8.45 18.01
N PRO B 457 -10.53 -9.60 17.46
CA PRO B 457 -10.64 -9.87 16.02
C PRO B 457 -11.82 -9.18 15.38
N GLY B 458 -11.76 -8.99 14.08
CA GLY B 458 -12.84 -8.36 13.34
C GLY B 458 -13.76 -9.38 12.70
N LEU B 459 -14.02 -9.18 11.41
CA LEU B 459 -15.00 -9.97 10.69
C LEU B 459 -14.46 -11.34 10.25
N PHE B 460 -13.18 -11.57 10.47
CA PHE B 460 -12.54 -12.81 10.04
C PHE B 460 -11.74 -13.43 11.18
N PRO B 461 -11.57 -14.77 11.15
CA PRO B 461 -10.69 -15.37 12.15
C PRO B 461 -9.27 -14.82 12.02
N GLU B 462 -8.62 -14.52 13.13
CA GLU B 462 -7.27 -13.98 13.13
C GLU B 462 -6.41 -14.79 14.09
N ASP B 463 -5.14 -14.96 13.72
CA ASP B 463 -4.21 -15.71 14.53
C ASP B 463 -3.52 -14.78 15.50
N ILE B 464 -4.23 -14.43 16.57
CA ILE B 464 -3.74 -13.48 17.54
C ILE B 464 -3.50 -14.12 18.90
N ASP B 465 -2.74 -13.44 19.74
CA ASP B 465 -2.52 -13.82 21.12
C ASP B 465 -3.24 -12.81 22.00
N THR B 466 -4.43 -13.20 22.46
CA THR B 466 -5.27 -12.30 23.24
C THR B 466 -4.76 -12.09 24.67
N SER B 467 -3.76 -12.85 25.07
N SER B 467 -3.76 -12.87 25.08
CA SER B 467 -3.27 -12.82 26.45
CA SER B 467 -3.26 -12.82 26.45
C SER B 467 -2.25 -11.70 26.68
C SER B 467 -2.25 -11.69 26.68
N ASP B 468 -1.56 -11.29 25.62
CA ASP B 468 -0.49 -10.31 25.74
C ASP B 468 -0.52 -9.42 24.48
N PRO B 469 -1.13 -8.23 24.59
CA PRO B 469 -1.45 -7.43 23.40
C PRO B 469 -0.28 -7.12 22.48
N TRP B 470 0.92 -6.93 23.03
CA TRP B 470 2.05 -6.45 22.23
C TRP B 470 2.94 -7.55 21.66
N GLN B 471 2.52 -8.80 21.80
CA GLN B 471 3.23 -9.92 21.16
C GLN B 471 3.42 -9.62 19.69
N PHE B 472 4.58 -9.99 19.15
CA PHE B 472 4.85 -9.84 17.73
C PHE B 472 3.78 -10.56 16.90
N ARG B 473 3.19 -11.60 17.49
CA ARG B 473 2.14 -12.36 16.84
C ARG B 473 0.94 -11.47 16.47
N ASN B 474 0.75 -10.40 17.23
CA ASN B 474 -0.34 -9.46 16.99
C ASN B 474 0.07 -8.28 16.13
N VAL B 475 1.35 -7.93 16.20
CA VAL B 475 1.87 -6.80 15.47
C VAL B 475 2.05 -7.12 13.99
N LEU B 476 2.67 -8.25 13.69
CA LEU B 476 2.98 -8.62 12.32
C LEU B 476 1.72 -8.83 11.50
N VAL B 477 1.67 -8.20 10.34
CA VAL B 477 0.60 -8.42 9.38
C VAL B 477 0.99 -9.62 8.51
N ARG B 478 0.11 -10.61 8.44
CA ARG B 478 0.44 -11.87 7.81
C ARG B 478 -0.37 -12.11 6.55
N ASP B 479 0.23 -11.79 5.42
CA ASP B 479 -0.34 -12.07 4.12
C ASP B 479 -0.49 -13.57 3.90
#